data_1QOO
#
_entry.id   1QOO
#
_cell.length_a   104.480
_cell.length_b   104.480
_cell.length_c   175.350
_cell.angle_alpha   90.00
_cell.angle_beta   90.00
_cell.angle_gamma   120.00
#
_symmetry.space_group_name_H-M   'P 32 2 1'
#
loop_
_entity.id
_entity.type
_entity.pdbx_description
1 polymer 'CHITIN BINDING LECTIN, UEA-II'
2 non-polymer 'MANGANESE (II) ION'
3 non-polymer 'CALCIUM ION'
4 non-polymer 2-acetamido-2-deoxy-beta-D-glucopyranose
#
_entity_poly.entity_id   1
_entity_poly.type   'polypeptide(L)'
_entity_poly.pdbx_seq_one_letter_code
;NLSDDLSFNFDKFVPNQKNIIFQGDASVSTTGVLQVTKVSKPTTTSIGRALYAAPIQIWDSITGKVASFATSFSFVVKAD
KSDGVDGLAFFLAPANSQIPSGSSAGMFGLFSSSDSKSSNQIIAVEFDTYFGKAYNPWDPDFKHIGIDVNSIKSIKTVKW
DWRNGEVADVVITYRAPTKSLTVCLSYPSDGTSNIITASVDLKAILPEWVSVGFSGGVGNAAEFETHDVLSWYFTSNLEA
NN
;
_entity_poly.pdbx_strand_id   A,B,C,D
#
loop_
_chem_comp.id
_chem_comp.type
_chem_comp.name
_chem_comp.formula
CA non-polymer 'CALCIUM ION' 'Ca 2'
MN non-polymer 'MANGANESE (II) ION' 'Mn 2'
NAG D-saccharide, beta linking 2-acetamido-2-deoxy-beta-D-glucopyranose 'C8 H15 N O6'
#
# COMPACT_ATOMS: atom_id res chain seq x y z
N SER A 3 4.99 -5.86 3.07
CA SER A 3 4.67 -4.44 3.01
C SER A 3 5.87 -3.55 3.34
N ASP A 4 5.79 -2.29 2.93
CA ASP A 4 6.86 -1.32 3.16
C ASP A 4 6.97 -0.94 4.63
N ASP A 5 8.15 -0.49 5.04
CA ASP A 5 8.39 -0.10 6.42
C ASP A 5 7.46 1.00 6.90
N LEU A 6 7.38 2.10 6.14
CA LEU A 6 6.54 3.21 6.52
C LEU A 6 5.86 3.83 5.32
N SER A 7 4.67 4.35 5.55
CA SER A 7 3.87 4.99 4.52
C SER A 7 2.79 5.83 5.19
N PHE A 8 2.86 7.14 5.00
CA PHE A 8 1.84 8.03 5.58
C PHE A 8 1.37 9.06 4.56
N ASN A 9 0.13 9.50 4.72
CA ASN A 9 -0.45 10.45 3.79
C ASN A 9 -1.37 11.45 4.48
N PHE A 10 -1.13 12.73 4.20
CA PHE A 10 -1.93 13.82 4.74
C PHE A 10 -2.55 14.56 3.57
N ASP A 11 -3.86 14.39 3.37
CA ASP A 11 -4.57 15.07 2.28
C ASP A 11 -4.79 16.52 2.65
N LYS A 12 -4.70 16.78 3.95
CA LYS A 12 -4.91 18.09 4.52
C LYS A 12 -4.35 18.01 5.94
N PHE A 13 -4.12 19.16 6.56
CA PHE A 13 -3.61 19.18 7.93
C PHE A 13 -4.72 19.71 8.83
N VAL A 14 -4.57 19.47 10.14
CA VAL A 14 -5.55 19.93 11.11
C VAL A 14 -4.83 20.72 12.20
N PRO A 15 -5.44 21.81 12.68
CA PRO A 15 -4.80 22.62 13.72
C PRO A 15 -4.36 21.77 14.90
N ASN A 16 -3.10 21.96 15.32
CA ASN A 16 -2.51 21.21 16.43
C ASN A 16 -2.59 19.72 16.17
N GLN A 17 -1.95 19.31 15.07
CA GLN A 17 -1.88 17.94 14.63
C GLN A 17 -0.85 17.24 15.51
N LYS A 18 -1.28 16.23 16.26
CA LYS A 18 -0.39 15.51 17.17
C LYS A 18 0.72 14.67 16.56
N ASN A 19 0.65 14.38 15.26
CA ASN A 19 1.71 13.57 14.66
C ASN A 19 2.71 14.38 13.85
N ILE A 20 2.71 15.69 14.08
CA ILE A 20 3.64 16.61 13.44
C ILE A 20 4.26 17.40 14.59
N ILE A 21 5.59 17.53 14.57
CA ILE A 21 6.28 18.30 15.60
C ILE A 21 6.56 19.69 15.03
N PHE A 22 5.96 20.70 15.66
CA PHE A 22 6.13 22.08 15.21
C PHE A 22 7.27 22.77 15.94
N GLN A 23 8.17 23.35 15.17
CA GLN A 23 9.31 24.06 15.72
C GLN A 23 9.29 25.47 15.17
N GLY A 24 9.66 26.44 16.01
CA GLY A 24 9.67 27.81 15.57
C GLY A 24 8.27 28.34 15.36
N ASP A 25 8.07 29.03 14.24
CA ASP A 25 6.76 29.61 13.92
C ASP A 25 5.82 28.74 13.12
N ALA A 26 6.23 27.51 12.82
CA ALA A 26 5.39 26.59 12.06
C ALA A 26 4.10 26.24 12.78
N SER A 27 3.02 26.16 12.02
CA SER A 27 1.71 25.84 12.56
C SER A 27 0.77 25.53 11.40
N VAL A 28 -0.43 25.07 11.70
CA VAL A 28 -1.42 24.79 10.67
C VAL A 28 -2.66 25.65 10.90
N SER A 29 -3.05 26.37 9.85
CA SER A 29 -4.20 27.28 9.88
C SER A 29 -5.53 26.54 9.96
N THR A 30 -6.60 27.29 10.18
CA THR A 30 -7.94 26.70 10.26
C THR A 30 -8.42 26.19 8.91
N THR A 31 -7.79 26.64 7.82
CA THR A 31 -8.15 26.19 6.48
C THR A 31 -7.45 24.88 6.12
N GLY A 32 -6.72 24.33 7.07
CA GLY A 32 -6.02 23.06 6.88
C GLY A 32 -4.67 23.07 6.18
N VAL A 33 -4.01 24.22 6.10
CA VAL A 33 -2.72 24.25 5.44
C VAL A 33 -1.60 24.45 6.45
N LEU A 34 -0.48 23.80 6.18
CA LEU A 34 0.70 23.90 7.02
C LEU A 34 1.51 25.14 6.63
N GLN A 35 1.48 26.15 7.49
CA GLN A 35 2.21 27.38 7.25
C GLN A 35 3.53 27.25 8.01
N VAL A 36 4.58 26.79 7.33
CA VAL A 36 5.88 26.60 7.97
C VAL A 36 6.47 27.94 8.41
N THR A 37 6.02 28.99 7.73
CA THR A 37 6.44 30.36 7.99
C THR A 37 5.20 31.11 8.46
N LYS A 38 5.36 32.00 9.44
CA LYS A 38 4.23 32.74 9.98
C LYS A 38 3.60 33.75 9.03
N VAL A 39 2.28 33.76 8.97
CA VAL A 39 1.53 34.69 8.13
C VAL A 39 0.69 35.58 9.05
N SER A 40 0.97 36.90 9.00
CA SER A 40 0.30 37.93 9.80
C SER A 40 0.26 39.28 9.08
N THR A 43 2.98 41.56 9.98
CA THR A 43 4.00 40.88 9.18
C THR A 43 5.33 40.82 9.95
N THR A 44 6.16 39.79 9.73
CA THR A 44 7.39 39.70 10.52
C THR A 44 8.43 38.63 10.13
N THR A 45 9.67 38.80 10.62
CA THR A 45 10.76 37.85 10.38
C THR A 45 10.29 36.53 10.97
N SER A 46 10.61 35.43 10.30
CA SER A 46 10.14 34.13 10.77
C SER A 46 11.00 32.94 10.34
N ILE A 47 10.98 31.90 11.16
CA ILE A 47 11.69 30.66 10.89
C ILE A 47 10.84 29.55 11.49
N GLY A 48 10.62 28.49 10.73
CA GLY A 48 9.80 27.39 11.23
C GLY A 48 10.11 26.05 10.60
N ARG A 49 9.83 24.99 11.35
CA ARG A 49 10.06 23.62 10.87
C ARG A 49 8.95 22.72 11.39
N ALA A 50 8.57 21.73 10.59
CA ALA A 50 7.52 20.78 10.95
C ALA A 50 8.06 19.40 10.59
N LEU A 51 8.12 18.51 11.58
CA LEU A 51 8.63 17.18 11.34
C LEU A 51 7.57 16.15 11.64
N TYR A 52 7.66 14.99 10.99
CA TYR A 52 6.74 13.90 11.29
C TYR A 52 7.19 13.46 12.70
N ALA A 53 6.22 13.23 13.58
CA ALA A 53 6.49 12.86 14.97
C ALA A 53 7.34 11.62 15.24
N ALA A 54 7.35 10.67 14.32
CA ALA A 54 8.16 9.46 14.51
C ALA A 54 9.41 9.39 13.65
N PRO A 55 10.55 9.02 14.26
CA PRO A 55 11.82 8.90 13.54
C PRO A 55 11.70 7.77 12.54
N ILE A 56 12.53 7.81 11.51
CA ILE A 56 12.52 6.80 10.46
C ILE A 56 13.92 6.20 10.32
N GLN A 57 13.98 4.88 10.10
CA GLN A 57 15.27 4.23 9.94
C GLN A 57 15.64 4.32 8.47
N ILE A 58 16.61 5.16 8.17
CA ILE A 58 17.05 5.38 6.79
C ILE A 58 18.09 4.37 6.31
N TRP A 59 18.75 3.70 7.25
CA TRP A 59 19.72 2.64 6.94
C TRP A 59 19.98 1.81 8.19
N ASP A 60 20.37 0.55 7.98
CA ASP A 60 20.63 -0.39 9.07
C ASP A 60 22.12 -0.76 9.14
N SER A 61 22.73 -0.59 10.30
CA SER A 61 24.14 -0.88 10.48
C SER A 61 24.41 -2.38 10.58
N ILE A 62 23.37 -3.13 10.93
CA ILE A 62 23.49 -4.58 11.06
C ILE A 62 23.60 -5.26 9.69
N THR A 63 22.63 -4.99 8.82
CA THR A 63 22.59 -5.57 7.48
C THR A 63 23.29 -4.77 6.38
N GLY A 64 23.55 -3.49 6.64
CA GLY A 64 24.20 -2.65 5.65
C GLY A 64 23.21 -2.04 4.66
N LYS A 65 21.95 -2.48 4.72
CA LYS A 65 20.88 -2.00 3.85
C LYS A 65 20.61 -0.50 3.97
N VAL A 66 20.27 0.11 2.84
CA VAL A 66 19.92 1.54 2.82
C VAL A 66 18.47 1.63 2.30
N ALA A 67 17.70 2.56 2.87
CA ALA A 67 16.32 2.71 2.48
C ALA A 67 16.09 3.54 1.23
N SER A 68 15.10 3.15 0.45
CA SER A 68 14.69 3.92 -0.72
C SER A 68 13.44 4.63 -0.23
N PHE A 69 13.22 5.86 -0.65
CA PHE A 69 12.02 6.56 -0.22
C PHE A 69 11.48 7.44 -1.33
N ALA A 70 10.22 7.82 -1.19
CA ALA A 70 9.57 8.67 -2.16
C ALA A 70 8.61 9.55 -1.38
N THR A 71 8.53 10.80 -1.77
CA THR A 71 7.63 11.70 -1.09
C THR A 71 6.99 12.62 -2.10
N SER A 72 5.78 13.06 -1.76
CA SER A 72 5.04 13.94 -2.65
C SER A 72 4.31 14.97 -1.83
N PHE A 73 4.42 16.22 -2.24
CA PHE A 73 3.76 17.32 -1.56
C PHE A 73 3.46 18.46 -2.52
N SER A 74 2.48 19.28 -2.14
CA SER A 74 2.08 20.42 -2.95
C SER A 74 2.27 21.62 -2.08
N PHE A 75 2.90 22.66 -2.61
CA PHE A 75 3.13 23.86 -1.83
C PHE A 75 2.85 25.13 -2.63
N VAL A 76 2.65 26.22 -1.89
CA VAL A 76 2.37 27.52 -2.47
C VAL A 76 3.25 28.56 -1.80
N VAL A 77 3.82 29.43 -2.62
CA VAL A 77 4.66 30.52 -2.14
C VAL A 77 4.06 31.79 -2.74
N LYS A 78 3.29 32.50 -1.93
CA LYS A 78 2.64 33.72 -2.36
C LYS A 78 3.30 34.97 -1.79
N ALA A 79 3.94 35.75 -2.67
CA ALA A 79 4.60 36.98 -2.26
C ALA A 79 3.69 38.19 -2.44
N ASP A 80 3.79 39.16 -1.53
CA ASP A 80 2.99 40.38 -1.61
C ASP A 80 3.39 41.18 -2.84
N LYS A 81 4.69 41.49 -2.94
CA LYS A 81 5.20 42.21 -4.09
C LYS A 81 5.52 41.16 -5.15
N SER A 82 6.33 41.50 -6.14
CA SER A 82 6.66 40.54 -7.19
C SER A 82 7.72 39.55 -6.72
N ASP A 83 8.39 39.87 -5.61
CA ASP A 83 9.43 39.03 -5.06
C ASP A 83 9.28 38.83 -3.57
N GLY A 84 9.87 37.75 -3.09
CA GLY A 84 9.82 37.44 -1.68
C GLY A 84 11.04 36.68 -1.23
N VAL A 85 11.10 36.40 0.07
CA VAL A 85 12.19 35.67 0.71
C VAL A 85 11.58 34.75 1.78
N ASP A 86 12.26 33.69 2.20
CA ASP A 86 13.57 33.27 1.73
C ASP A 86 13.52 31.94 0.99
N GLY A 87 12.53 31.13 1.31
CA GLY A 87 12.40 29.84 0.66
C GLY A 87 11.85 28.78 1.59
N LEU A 88 11.73 27.58 1.04
CA LEU A 88 11.19 26.43 1.74
C LEU A 88 12.11 25.25 1.47
N ALA A 89 12.13 24.28 2.38
CA ALA A 89 12.99 23.11 2.17
C ALA A 89 12.38 21.84 2.74
N PHE A 90 12.66 20.73 2.07
CA PHE A 90 12.23 19.42 2.54
C PHE A 90 13.55 18.81 3.04
N PHE A 91 13.55 18.23 4.24
CA PHE A 91 14.81 17.70 4.74
C PHE A 91 14.76 16.44 5.60
N LEU A 92 15.95 15.86 5.74
CA LEU A 92 16.18 14.68 6.55
C LEU A 92 17.29 15.11 7.49
N ALA A 93 17.06 14.95 8.79
CA ALA A 93 18.03 15.34 9.81
C ALA A 93 18.03 14.31 10.92
N PRO A 94 19.02 14.38 11.84
CA PRO A 94 19.08 13.42 12.95
C PRO A 94 17.75 13.41 13.70
N ALA A 95 17.36 12.23 14.20
CA ALA A 95 16.09 12.07 14.92
C ALA A 95 15.87 13.12 16.02
N ASN A 96 14.72 13.79 15.94
CA ASN A 96 14.31 14.81 16.89
C ASN A 96 15.26 16.00 17.00
N SER A 97 15.80 16.37 15.86
CA SER A 97 16.71 17.49 15.72
C SER A 97 15.95 18.79 16.04
N GLN A 98 16.63 19.74 16.68
CA GLN A 98 16.03 21.02 17.01
C GLN A 98 16.65 22.08 16.11
N ILE A 99 16.01 23.24 16.04
CA ILE A 99 16.53 24.35 15.24
C ILE A 99 17.85 24.78 15.90
N PRO A 100 18.95 24.85 15.11
CA PRO A 100 20.27 25.26 15.61
C PRO A 100 20.28 26.68 16.15
N SER A 101 21.19 26.95 17.10
CA SER A 101 21.32 28.28 17.68
C SER A 101 21.93 29.20 16.64
N GLY A 102 21.43 30.44 16.59
CA GLY A 102 21.96 31.39 15.64
C GLY A 102 21.70 31.04 14.18
N SER A 103 20.59 30.34 13.92
CA SER A 103 20.27 30.01 12.55
C SER A 103 19.56 31.22 11.97
N SER A 104 19.52 31.31 10.65
CA SER A 104 18.87 32.43 10.00
C SER A 104 17.92 31.93 8.93
N ALA A 105 17.04 32.81 8.47
CA ALA A 105 16.05 32.46 7.47
C ALA A 105 16.70 31.94 6.17
N GLY A 106 17.83 32.53 5.80
CA GLY A 106 18.54 32.12 4.60
C GLY A 106 19.12 30.74 4.67
N MET A 107 19.14 30.17 5.87
CA MET A 107 19.64 28.82 6.08
C MET A 107 18.50 27.87 6.43
N PHE A 108 17.28 28.40 6.30
CA PHE A 108 16.03 27.66 6.52
C PHE A 108 15.96 26.94 7.86
N GLY A 109 16.63 27.49 8.87
CA GLY A 109 16.61 26.89 10.19
C GLY A 109 17.24 25.53 10.22
N LEU A 110 18.13 25.27 9.27
CA LEU A 110 18.83 23.99 9.17
C LEU A 110 20.32 24.10 9.50
N PHE A 111 20.88 25.31 9.36
CA PHE A 111 22.30 25.53 9.62
C PHE A 111 22.66 26.71 10.52
N SER A 112 23.75 26.54 11.27
CA SER A 112 24.31 27.53 12.20
C SER A 112 25.26 28.44 11.43
N SER A 113 25.79 27.93 10.31
CA SER A 113 26.74 28.67 9.47
C SER A 113 26.77 28.20 8.02
N SER A 114 27.65 28.81 7.22
CA SER A 114 27.78 28.46 5.81
C SER A 114 28.89 27.44 5.52
N ASP A 115 29.52 26.92 6.57
CA ASP A 115 30.58 25.93 6.42
C ASP A 115 29.96 24.58 6.10
N SER A 116 30.77 23.68 5.55
CA SER A 116 30.30 22.34 5.21
C SER A 116 30.81 21.33 6.25
N LYS A 117 30.19 21.32 7.43
CA LYS A 117 30.59 20.39 8.50
C LYS A 117 29.86 19.06 8.37
N SER A 118 30.61 17.96 8.43
CA SER A 118 30.03 16.63 8.32
C SER A 118 29.15 16.27 9.54
N SER A 119 29.32 17.04 10.62
CA SER A 119 28.56 16.83 11.84
C SER A 119 27.14 17.38 11.75
N ASN A 120 26.84 18.12 10.68
CA ASN A 120 25.50 18.67 10.48
C ASN A 120 24.51 17.53 10.24
N GLN A 121 24.95 16.56 9.44
CA GLN A 121 24.15 15.38 9.09
C GLN A 121 22.79 15.77 8.53
N ILE A 122 22.82 16.64 7.52
CA ILE A 122 21.60 17.11 6.91
C ILE A 122 21.59 17.03 5.39
N ILE A 123 20.49 16.48 4.87
CA ILE A 123 20.26 16.39 3.44
C ILE A 123 18.93 17.10 3.25
N ALA A 124 18.92 18.09 2.35
CA ALA A 124 17.71 18.85 2.11
C ALA A 124 17.58 19.25 0.66
N VAL A 125 16.33 19.46 0.26
CA VAL A 125 16.00 19.90 -1.07
C VAL A 125 15.37 21.28 -0.83
N GLU A 126 16.06 22.31 -1.27
CA GLU A 126 15.60 23.67 -1.07
C GLU A 126 14.94 24.29 -2.28
N PHE A 127 13.95 25.14 -2.01
CA PHE A 127 13.23 25.89 -3.03
C PHE A 127 13.52 27.31 -2.57
N ASP A 128 14.69 27.77 -2.99
CA ASP A 128 15.28 29.07 -2.66
C ASP A 128 14.78 30.25 -3.49
N THR A 129 14.10 31.18 -2.83
CA THR A 129 13.56 32.35 -3.53
C THR A 129 14.46 33.58 -3.47
N TYR A 130 15.34 33.63 -2.47
CA TYR A 130 16.27 34.75 -2.33
C TYR A 130 17.70 34.31 -2.65
N PHE A 131 18.33 35.05 -3.54
CA PHE A 131 19.69 34.74 -3.95
C PHE A 131 20.61 35.96 -3.90
N GLY A 132 20.21 36.98 -3.14
CA GLY A 132 21.00 38.20 -3.04
C GLY A 132 22.41 37.96 -2.55
N LYS A 133 23.39 38.40 -3.33
CA LYS A 133 24.79 38.22 -2.96
C LYS A 133 25.18 38.94 -1.67
N ALA A 134 24.34 39.89 -1.25
CA ALA A 134 24.59 40.63 -0.01
C ALA A 134 24.51 39.66 1.18
N TYR A 135 23.41 38.91 1.31
CA TYR A 135 23.24 37.95 2.41
C TYR A 135 23.47 36.47 2.12
N ASN A 136 23.34 36.04 0.87
CA ASN A 136 23.54 34.64 0.49
C ASN A 136 24.58 34.54 -0.64
N PRO A 137 25.83 34.87 -0.34
CA PRO A 137 26.89 34.80 -1.35
C PRO A 137 27.09 33.42 -2.00
N TRP A 138 26.59 32.36 -1.35
CA TRP A 138 26.72 30.99 -1.85
C TRP A 138 25.72 30.61 -2.94
N ASP A 139 24.64 31.39 -3.09
CA ASP A 139 23.60 31.13 -4.07
C ASP A 139 23.92 31.57 -5.48
N PRO A 140 23.33 30.90 -6.49
CA PRO A 140 23.52 31.23 -7.91
C PRO A 140 22.66 32.46 -8.21
N ASP A 141 22.77 33.05 -9.40
CA ASP A 141 22.03 34.27 -9.72
C ASP A 141 20.58 34.17 -10.18
N PHE A 142 19.82 33.28 -9.54
CA PHE A 142 18.41 33.09 -9.88
C PHE A 142 17.73 32.25 -8.81
N LYS A 143 16.40 32.25 -8.82
CA LYS A 143 15.66 31.44 -7.85
C LYS A 143 15.98 30.00 -8.26
N HIS A 144 16.15 29.12 -7.30
CA HIS A 144 16.56 27.76 -7.63
C HIS A 144 16.05 26.63 -6.75
N ILE A 145 16.24 25.41 -7.24
CA ILE A 145 15.94 24.20 -6.50
C ILE A 145 17.35 23.67 -6.26
N GLY A 146 17.67 23.34 -5.02
CA GLY A 146 19.01 22.85 -4.74
C GLY A 146 19.03 21.63 -3.85
N ILE A 147 20.04 20.79 -4.05
CA ILE A 147 20.23 19.59 -3.25
C ILE A 147 21.31 20.00 -2.28
N ASP A 148 20.98 20.03 -0.99
CA ASP A 148 21.93 20.43 0.04
C ASP A 148 22.41 19.24 0.84
N VAL A 149 23.72 19.11 0.96
CA VAL A 149 24.32 18.01 1.70
C VAL A 149 25.30 18.57 2.72
N ASN A 150 24.86 18.65 3.97
CA ASN A 150 25.67 19.17 5.08
C ASN A 150 26.09 20.63 4.94
N SER A 151 25.47 21.34 4.00
CA SER A 151 25.79 22.74 3.77
C SER A 151 24.70 23.48 2.99
N ILE A 152 24.56 24.78 3.29
CA ILE A 152 23.58 25.63 2.63
C ILE A 152 24.02 25.95 1.21
N LYS A 153 25.26 25.61 0.89
CA LYS A 153 25.81 25.80 -0.44
C LYS A 153 25.54 24.48 -1.16
N SER A 154 24.47 24.47 -1.95
CA SER A 154 24.01 23.31 -2.70
C SER A 154 25.09 22.66 -3.55
N ILE A 155 25.05 21.33 -3.66
CA ILE A 155 26.02 20.59 -4.48
C ILE A 155 25.59 20.62 -5.94
N LYS A 156 24.30 20.87 -6.16
CA LYS A 156 23.75 20.96 -7.51
C LYS A 156 22.47 21.77 -7.44
N THR A 157 22.33 22.70 -8.38
CA THR A 157 21.14 23.54 -8.44
C THR A 157 20.59 23.57 -9.86
N VAL A 158 19.38 24.08 -9.99
CA VAL A 158 18.72 24.21 -11.27
C VAL A 158 17.78 25.41 -11.17
N LYS A 159 17.66 26.14 -12.27
CA LYS A 159 16.78 27.30 -12.32
C LYS A 159 15.35 26.89 -11.95
N TRP A 160 14.76 27.61 -11.01
CA TRP A 160 13.40 27.35 -10.56
C TRP A 160 12.47 28.44 -11.09
N ASP A 161 11.61 28.06 -12.03
CA ASP A 161 10.66 28.99 -12.62
C ASP A 161 9.46 29.17 -11.71
N TRP A 162 9.71 29.82 -10.57
CA TRP A 162 8.69 30.07 -9.57
C TRP A 162 7.51 30.89 -10.12
N ARG A 163 6.30 30.48 -9.74
CA ARG A 163 5.09 31.17 -10.14
C ARG A 163 4.43 31.66 -8.86
N ASN A 164 4.33 32.99 -8.73
CA ASN A 164 3.74 33.62 -7.56
C ASN A 164 2.31 33.17 -7.29
N GLY A 165 2.07 32.65 -6.09
CA GLY A 165 0.73 32.23 -5.70
C GLY A 165 0.17 30.94 -6.27
N GLU A 166 0.87 30.35 -7.24
CA GLU A 166 0.42 29.11 -7.85
C GLU A 166 0.88 27.88 -7.07
N VAL A 167 0.05 26.84 -7.13
CA VAL A 167 0.33 25.57 -6.48
C VAL A 167 1.32 24.74 -7.28
N ALA A 168 2.35 24.25 -6.60
CA ALA A 168 3.37 23.41 -7.21
C ALA A 168 3.28 21.99 -6.64
N ASP A 169 3.33 21.00 -7.52
CA ASP A 169 3.29 19.60 -7.09
C ASP A 169 4.73 19.09 -7.18
N VAL A 170 5.22 18.48 -6.12
CA VAL A 170 6.59 17.96 -6.11
C VAL A 170 6.64 16.48 -5.78
N VAL A 171 7.51 15.76 -6.47
CA VAL A 171 7.73 14.33 -6.22
C VAL A 171 9.24 14.20 -6.06
N ILE A 172 9.67 13.64 -4.94
CA ILE A 172 11.08 13.44 -4.70
C ILE A 172 11.28 11.95 -4.47
N THR A 173 12.17 11.35 -5.25
CA THR A 173 12.45 9.93 -5.10
C THR A 173 13.92 9.69 -4.80
N TYR A 174 14.17 8.72 -3.94
CA TYR A 174 15.53 8.33 -3.63
C TYR A 174 15.60 6.83 -3.84
N ARG A 175 16.40 6.44 -4.82
CA ARG A 175 16.59 5.05 -5.19
C ARG A 175 17.94 4.58 -4.64
N ALA A 176 17.89 3.87 -3.52
CA ALA A 176 19.09 3.37 -2.84
C ALA A 176 20.11 2.62 -3.71
N PRO A 177 19.67 1.63 -4.50
CA PRO A 177 20.65 0.92 -5.33
C PRO A 177 21.52 1.77 -6.26
N THR A 178 21.01 2.92 -6.71
CA THR A 178 21.80 3.79 -7.57
C THR A 178 22.20 5.10 -6.91
N LYS A 179 21.85 5.26 -5.63
CA LYS A 179 22.16 6.46 -4.85
C LYS A 179 21.68 7.73 -5.57
N SER A 180 20.54 7.60 -6.24
CA SER A 180 19.98 8.69 -7.02
C SER A 180 18.82 9.41 -6.37
N LEU A 181 18.96 10.72 -6.23
CA LEU A 181 17.92 11.57 -5.66
C LEU A 181 17.38 12.46 -6.78
N THR A 182 16.11 12.28 -7.13
CA THR A 182 15.46 13.06 -8.19
C THR A 182 14.35 13.95 -7.65
N VAL A 183 14.36 15.21 -8.07
CA VAL A 183 13.35 16.17 -7.64
C VAL A 183 12.55 16.59 -8.87
N CYS A 184 11.27 16.28 -8.82
CA CYS A 184 10.32 16.55 -9.89
C CYS A 184 9.32 17.63 -9.50
N LEU A 185 9.40 18.81 -10.14
CA LEU A 185 8.45 19.87 -9.80
C LEU A 185 7.63 20.33 -10.99
N SER A 186 6.34 20.54 -10.76
CA SER A 186 5.45 21.00 -11.83
C SER A 186 4.32 21.88 -11.32
N TYR A 187 3.90 22.81 -12.18
CA TYR A 187 2.80 23.73 -11.90
C TYR A 187 1.65 23.35 -12.83
N PRO A 188 0.62 22.66 -12.30
CA PRO A 188 -0.53 22.26 -13.12
C PRO A 188 -1.25 23.41 -13.84
N SER A 189 -1.19 24.63 -13.27
CA SER A 189 -1.83 25.80 -13.87
C SER A 189 -1.33 26.17 -15.27
N ASP A 190 -0.02 26.13 -15.50
CA ASP A 190 0.53 26.49 -16.82
C ASP A 190 1.48 25.49 -17.46
N GLY A 191 1.70 24.36 -16.80
CA GLY A 191 2.58 23.33 -17.33
C GLY A 191 4.07 23.52 -17.09
N THR A 192 4.45 24.55 -16.34
CA THR A 192 5.87 24.81 -16.04
C THR A 192 6.44 23.67 -15.22
N SER A 193 7.59 23.14 -15.64
CA SER A 193 8.21 22.01 -14.96
C SER A 193 9.71 22.15 -14.80
N ASN A 194 10.21 21.80 -13.62
CA ASN A 194 11.64 21.85 -13.33
C ASN A 194 12.05 20.53 -12.73
N ILE A 195 13.26 20.08 -13.07
CA ILE A 195 13.74 18.81 -12.57
C ILE A 195 15.23 18.85 -12.28
N ILE A 196 15.65 18.07 -11.30
CA ILE A 196 17.06 17.99 -10.93
C ILE A 196 17.35 16.66 -10.24
N THR A 197 18.49 16.06 -10.56
CA THR A 197 18.89 14.80 -9.90
C THR A 197 20.37 14.82 -9.53
N ALA A 198 20.71 14.16 -8.43
CA ALA A 198 22.08 14.13 -7.95
C ALA A 198 22.36 12.82 -7.21
N SER A 199 23.64 12.46 -7.12
CA SER A 199 24.02 11.24 -6.39
C SER A 199 24.32 11.59 -4.94
N VAL A 200 23.69 10.84 -4.03
CA VAL A 200 23.88 11.05 -2.61
C VAL A 200 23.86 9.71 -1.90
N ASP A 201 24.88 9.44 -1.10
CA ASP A 201 24.94 8.20 -0.35
C ASP A 201 24.45 8.53 1.07
N LEU A 202 23.20 8.15 1.38
CA LEU A 202 22.60 8.42 2.68
C LEU A 202 23.39 7.85 3.84
N LYS A 203 23.92 6.64 3.64
CA LYS A 203 24.71 5.96 4.66
C LYS A 203 25.95 6.77 5.04
N ALA A 204 26.49 7.52 4.08
CA ALA A 204 27.68 8.32 4.31
C ALA A 204 27.38 9.63 5.01
N ILE A 205 26.17 10.15 4.83
CA ILE A 205 25.81 11.44 5.40
C ILE A 205 24.98 11.43 6.69
N LEU A 206 23.92 10.63 6.71
CA LEU A 206 23.01 10.59 7.85
C LEU A 206 23.18 9.43 8.81
N PRO A 207 22.64 9.58 10.04
CA PRO A 207 22.70 8.51 11.04
C PRO A 207 21.59 7.49 10.68
N GLU A 208 21.53 6.36 11.38
CA GLU A 208 20.51 5.35 11.07
C GLU A 208 19.09 5.87 11.22
N TRP A 209 18.88 6.67 12.26
CA TRP A 209 17.57 7.22 12.56
C TRP A 209 17.46 8.70 12.27
N VAL A 210 16.51 9.05 11.40
CA VAL A 210 16.30 10.44 11.02
C VAL A 210 14.86 10.89 11.17
N SER A 211 14.68 12.22 11.12
CA SER A 211 13.36 12.84 11.19
C SER A 211 13.20 13.56 9.85
N VAL A 212 12.02 13.48 9.26
CA VAL A 212 11.78 14.14 7.99
C VAL A 212 10.75 15.27 8.14
N GLY A 213 10.87 16.31 7.33
CA GLY A 213 9.93 17.40 7.43
C GLY A 213 10.25 18.58 6.52
N PHE A 214 9.61 19.70 6.85
CA PHE A 214 9.77 20.92 6.08
C PHE A 214 10.28 22.03 6.98
N SER A 215 11.03 22.94 6.38
CA SER A 215 11.53 24.09 7.09
C SER A 215 11.47 25.27 6.12
N GLY A 216 11.50 26.48 6.66
CA GLY A 216 11.44 27.66 5.82
C GLY A 216 11.70 28.91 6.62
N GLY A 217 11.87 30.02 5.92
CA GLY A 217 12.12 31.27 6.61
C GLY A 217 11.81 32.52 5.82
N VAL A 218 11.68 33.61 6.55
CA VAL A 218 11.42 34.94 5.99
C VAL A 218 12.39 35.83 6.74
N GLY A 219 13.47 36.21 6.07
CA GLY A 219 14.49 37.03 6.70
C GLY A 219 14.22 38.51 6.72
N ASN A 220 13.39 38.98 5.80
CA ASN A 220 13.07 40.40 5.69
C ASN A 220 11.55 40.59 5.56
N ALA A 221 10.94 41.08 6.63
CA ALA A 221 9.50 41.32 6.69
C ALA A 221 8.97 42.23 5.60
N ALA A 222 9.87 43.01 5.00
CA ALA A 222 9.51 43.93 3.93
C ALA A 222 9.25 43.19 2.62
N GLU A 223 9.90 42.05 2.44
CA GLU A 223 9.75 41.25 1.23
C GLU A 223 9.11 39.91 1.56
N PHE A 224 8.00 39.99 2.28
CA PHE A 224 7.22 38.85 2.75
C PHE A 224 6.62 37.95 1.66
N GLU A 225 6.51 36.67 1.99
CA GLU A 225 5.92 35.64 1.13
C GLU A 225 5.56 34.46 2.03
N THR A 226 4.56 33.68 1.61
CA THR A 226 4.13 32.52 2.38
C THR A 226 4.90 31.28 1.96
N HIS A 227 4.94 30.28 2.84
CA HIS A 227 5.61 29.01 2.56
C HIS A 227 4.65 27.96 3.10
N ASP A 228 3.56 27.76 2.37
CA ASP A 228 2.50 26.83 2.75
C ASP A 228 2.53 25.50 2.02
N VAL A 229 2.46 24.40 2.78
CA VAL A 229 2.41 23.07 2.17
C VAL A 229 0.97 22.59 2.38
N LEU A 230 0.35 22.18 1.29
CA LEU A 230 -1.05 21.77 1.24
C LEU A 230 -1.34 20.32 1.57
N SER A 231 -0.44 19.43 1.19
CA SER A 231 -0.58 18.00 1.41
C SER A 231 0.80 17.34 1.45
N TRP A 232 0.86 16.11 1.95
CA TRP A 232 2.14 15.41 2.05
C TRP A 232 2.00 13.89 2.12
N TYR A 233 2.68 13.22 1.20
CA TYR A 233 2.72 11.76 1.13
C TYR A 233 4.17 11.32 1.30
N PHE A 234 4.39 10.25 2.05
CA PHE A 234 5.75 9.73 2.27
C PHE A 234 5.82 8.23 2.47
N THR A 235 6.83 7.61 1.87
CA THR A 235 7.06 6.16 1.99
C THR A 235 8.56 5.89 2.05
N SER A 236 8.94 4.95 2.90
CA SER A 236 10.34 4.56 2.98
C SER A 236 10.35 3.04 3.11
N ASN A 237 11.42 2.43 2.64
CA ASN A 237 11.54 0.98 2.70
C ASN A 237 13.00 0.52 2.63
N LEU A 238 13.39 -0.34 3.57
CA LEU A 238 14.74 -0.90 3.66
C LEU A 238 14.95 -2.16 2.79
N GLU A 239 15.91 -2.07 1.86
N SER B 3 -4.12 7.10 -1.15
CA SER B 3 -3.47 6.20 -0.20
C SER B 3 -4.02 6.37 1.23
N ASP B 4 -3.80 5.35 2.05
CA ASP B 4 -4.26 5.35 3.45
C ASP B 4 -3.48 6.34 4.30
N ASP B 5 -4.10 6.78 5.38
CA ASP B 5 -3.47 7.74 6.28
C ASP B 5 -2.15 7.24 6.86
N LEU B 6 -2.18 6.04 7.44
CA LEU B 6 -0.97 5.48 8.02
C LEU B 6 -0.86 3.99 7.76
N SER B 7 0.38 3.52 7.66
CA SER B 7 0.67 2.13 7.42
C SER B 7 2.12 1.86 7.78
N PHE B 8 2.35 1.04 8.80
CA PHE B 8 3.72 0.69 9.17
C PHE B 8 3.87 -0.80 9.39
N ASN B 9 5.08 -1.31 9.19
CA ASN B 9 5.34 -2.73 9.34
C ASN B 9 6.72 -3.02 9.90
N PHE B 10 6.75 -3.85 10.94
CA PHE B 10 7.99 -4.25 11.60
C PHE B 10 8.10 -5.76 11.47
N ASP B 11 9.00 -6.23 10.62
CA ASP B 11 9.20 -7.67 10.44
C ASP B 11 9.99 -8.22 11.61
N LYS B 12 10.66 -7.30 12.29
CA LYS B 12 11.50 -7.63 13.42
C LYS B 12 11.76 -6.30 14.14
N PHE B 13 12.22 -6.34 15.37
CA PHE B 13 12.53 -5.11 16.10
C PHE B 13 14.04 -5.03 16.27
N VAL B 14 14.54 -3.83 16.59
CA VAL B 14 15.97 -3.63 16.79
C VAL B 14 16.18 -2.97 18.15
N PRO B 15 17.23 -3.37 18.89
CA PRO B 15 17.49 -2.79 20.20
C PRO B 15 17.51 -1.27 20.16
N ASN B 16 16.76 -0.65 21.07
CA ASN B 16 16.64 0.82 21.15
C ASN B 16 16.13 1.39 19.82
N GLN B 17 14.94 0.95 19.46
CA GLN B 17 14.27 1.36 18.24
C GLN B 17 13.69 2.74 18.51
N LYS B 18 14.13 3.72 17.75
CA LYS B 18 13.68 5.10 17.92
C LYS B 18 12.22 5.43 17.61
N ASN B 19 11.52 4.55 16.88
CA ASN B 19 10.12 4.83 16.58
C ASN B 19 9.13 4.10 17.46
N ILE B 20 9.63 3.57 18.58
CA ILE B 20 8.81 2.87 19.57
C ILE B 20 9.14 3.54 20.90
N ILE B 21 8.10 3.88 21.66
CA ILE B 21 8.30 4.49 22.96
C ILE B 21 8.19 3.39 24.01
N PHE B 22 9.28 3.16 24.74
CA PHE B 22 9.32 2.12 25.76
C PHE B 22 8.97 2.68 27.13
N GLN B 23 8.00 2.05 27.79
CA GLN B 23 7.58 2.48 29.11
C GLN B 23 7.71 1.30 30.04
N GLY B 24 8.14 1.55 31.27
CA GLY B 24 8.29 0.47 32.22
C GLY B 24 9.45 -0.42 31.86
N ASP B 25 9.24 -1.73 31.94
CA ASP B 25 10.29 -2.71 31.65
C ASP B 25 10.39 -3.17 30.19
N ALA B 26 9.55 -2.60 29.33
CA ALA B 26 9.55 -2.99 27.92
C ALA B 26 10.87 -2.65 27.25
N SER B 27 11.33 -3.56 26.39
CA SER B 27 12.57 -3.38 25.66
C SER B 27 12.63 -4.43 24.55
N VAL B 28 13.64 -4.32 23.68
CA VAL B 28 13.82 -5.28 22.60
C VAL B 28 15.18 -5.94 22.73
N SER B 29 15.15 -7.27 22.75
CA SER B 29 16.35 -8.09 22.89
C SER B 29 17.26 -8.05 21.67
N THR B 30 18.45 -8.62 21.81
CA THR B 30 19.40 -8.66 20.71
C THR B 30 18.93 -9.61 19.59
N THR B 31 18.00 -10.50 19.90
CA THR B 31 17.47 -11.44 18.91
C THR B 31 16.33 -10.80 18.10
N GLY B 32 16.08 -9.51 18.35
CA GLY B 32 15.06 -8.79 17.62
C GLY B 32 13.61 -8.91 18.05
N VAL B 33 13.37 -9.36 19.28
CA VAL B 33 12.00 -9.49 19.75
C VAL B 33 11.66 -8.47 20.82
N LEU B 34 10.43 -7.98 20.77
CA LEU B 34 9.94 -7.00 21.72
C LEU B 34 9.45 -7.71 22.98
N GLN B 35 10.22 -7.58 24.06
CA GLN B 35 9.85 -8.19 25.33
C GLN B 35 9.14 -7.11 26.15
N VAL B 36 7.81 -7.07 26.07
CA VAL B 36 7.05 -6.05 26.79
C VAL B 36 7.20 -6.23 28.28
N THR B 37 7.51 -7.46 28.66
CA THR B 37 7.69 -7.87 30.04
C THR B 37 9.16 -8.29 30.19
N LYS B 38 9.78 -7.94 31.31
CA LYS B 38 11.20 -8.28 31.53
C LYS B 38 11.49 -9.76 31.72
N VAL B 39 12.54 -10.23 31.03
CA VAL B 39 12.98 -11.62 31.13
C VAL B 39 14.42 -11.62 31.68
N SER B 40 14.65 -12.26 32.83
CA SER B 40 15.99 -12.25 33.41
C SER B 40 16.33 -13.52 34.21
N LYS B 41 17.63 -13.77 34.38
CA LYS B 41 18.16 -14.95 35.11
C LYS B 41 17.28 -15.13 36.34
N PRO B 42 17.30 -14.17 37.31
CA PRO B 42 16.40 -14.40 38.44
C PRO B 42 15.13 -13.60 38.04
N THR B 43 14.01 -14.30 37.89
CA THR B 43 12.76 -13.65 37.50
C THR B 43 12.27 -12.57 38.48
N THR B 44 11.48 -11.63 37.98
CA THR B 44 10.93 -10.56 38.83
C THR B 44 9.59 -9.96 38.37
N THR B 45 8.89 -9.29 39.30
CA THR B 45 7.61 -8.63 39.00
C THR B 45 7.93 -7.62 37.91
N SER B 46 7.01 -7.45 36.95
CA SER B 46 7.25 -6.54 35.86
C SER B 46 6.00 -5.98 35.19
N ILE B 47 6.13 -4.78 34.65
CA ILE B 47 5.05 -4.10 33.92
C ILE B 47 5.74 -3.31 32.81
N GLY B 48 5.21 -3.41 31.60
CA GLY B 48 5.82 -2.68 30.49
C GLY B 48 4.86 -2.36 29.37
N ARG B 49 5.15 -1.30 28.64
CA ARG B 49 4.34 -0.88 27.50
C ARG B 49 5.25 -0.36 26.39
N ALA B 50 4.85 -0.57 25.15
CA ALA B 50 5.61 -0.09 24.00
C ALA B 50 4.60 0.53 23.05
N LEU B 51 4.79 1.80 22.72
CA LEU B 51 3.88 2.49 21.82
C LEU B 51 4.59 2.94 20.56
N TYR B 52 3.85 3.08 19.47
CA TYR B 52 4.43 3.59 18.24
C TYR B 52 4.67 5.08 18.58
N ALA B 53 5.83 5.59 18.23
CA ALA B 53 6.23 6.97 18.54
C ALA B 53 5.33 8.10 18.08
N ALA B 54 4.57 7.89 17.02
CA ALA B 54 3.68 8.94 16.51
C ALA B 54 2.19 8.68 16.79
N PRO B 55 1.48 9.72 17.28
CA PRO B 55 0.05 9.61 17.58
C PRO B 55 -0.70 9.40 16.27
N ILE B 56 -1.89 8.84 16.37
CA ILE B 56 -2.72 8.54 15.21
C ILE B 56 -4.08 9.20 15.39
N GLN B 57 -4.61 9.75 14.30
CA GLN B 57 -5.92 10.37 14.38
C GLN B 57 -6.96 9.28 14.13
N ILE B 58 -7.66 8.91 15.20
CA ILE B 58 -8.66 7.85 15.13
C ILE B 58 -10.04 8.33 14.68
N TRP B 59 -10.27 9.64 14.80
CA TRP B 59 -11.52 10.27 14.35
C TRP B 59 -11.33 11.76 14.23
N ASP B 60 -12.11 12.39 13.35
CA ASP B 60 -12.03 13.84 13.10
C ASP B 60 -13.31 14.53 13.58
N SER B 61 -13.14 15.54 14.43
CA SER B 61 -14.28 16.29 14.95
C SER B 61 -14.87 17.26 13.92
N ILE B 62 -14.07 17.62 12.92
CA ILE B 62 -14.51 18.54 11.87
C ILE B 62 -15.51 17.85 10.93
N THR B 63 -15.10 16.73 10.35
CA THR B 63 -15.93 15.97 9.41
C THR B 63 -16.83 14.89 10.03
N GLY B 64 -16.53 14.50 11.26
CA GLY B 64 -17.33 13.46 11.92
C GLY B 64 -16.87 12.06 11.57
N LYS B 65 -15.95 11.95 10.61
CA LYS B 65 -15.40 10.67 10.16
C LYS B 65 -14.69 9.87 11.26
N VAL B 66 -14.80 8.55 11.19
CA VAL B 66 -14.13 7.67 12.14
C VAL B 66 -13.20 6.78 11.32
N ALA B 67 -12.03 6.48 11.86
CA ALA B 67 -11.07 5.65 11.16
C ALA B 67 -11.30 4.15 11.30
N SER B 68 -11.01 3.43 10.21
CA SER B 68 -11.07 1.98 10.20
C SER B 68 -9.60 1.59 10.31
N PHE B 69 -9.30 0.54 11.03
CA PHE B 69 -7.91 0.12 11.15
C PHE B 69 -7.80 -1.38 11.20
N ALA B 70 -6.61 -1.87 10.92
CA ALA B 70 -6.33 -3.29 10.94
C ALA B 70 -4.92 -3.44 11.43
N THR B 71 -4.68 -4.45 12.25
CA THR B 71 -3.35 -4.68 12.76
C THR B 71 -3.08 -6.16 12.83
N SER B 72 -1.81 -6.52 12.65
CA SER B 72 -1.42 -7.92 12.70
C SER B 72 -0.11 -8.05 13.43
N PHE B 73 -0.06 -9.00 14.35
CA PHE B 73 1.16 -9.26 15.12
C PHE B 73 1.24 -10.71 15.55
N SER B 74 2.46 -11.17 15.84
CA SER B 74 2.67 -12.53 16.28
C SER B 74 3.33 -12.42 17.62
N PHE B 75 2.84 -13.20 18.58
CA PHE B 75 3.41 -13.16 19.91
C PHE B 75 3.59 -14.54 20.50
N VAL B 76 4.44 -14.62 21.53
CA VAL B 76 4.74 -15.86 22.23
C VAL B 76 4.68 -15.60 23.73
N VAL B 77 4.04 -16.52 24.42
CA VAL B 77 3.93 -16.46 25.87
C VAL B 77 4.46 -17.79 26.38
N LYS B 78 5.70 -17.78 26.84
CA LYS B 78 6.35 -18.99 27.34
C LYS B 78 6.48 -19.00 28.86
N ALA B 79 5.74 -19.90 29.49
CA ALA B 79 5.76 -20.05 30.94
C ALA B 79 6.76 -21.12 31.39
N ASP B 80 7.43 -20.89 32.51
CA ASP B 80 8.39 -21.85 33.06
C ASP B 80 7.65 -23.12 33.47
N LYS B 81 6.66 -22.95 34.34
CA LYS B 81 5.85 -24.07 34.79
C LYS B 81 4.74 -24.24 33.75
N SER B 82 3.66 -24.93 34.09
CA SER B 82 2.57 -25.14 33.15
C SER B 82 1.68 -23.92 33.05
N ASP B 83 1.80 -23.02 34.01
CA ASP B 83 1.00 -21.81 34.06
C ASP B 83 1.84 -20.57 34.32
N GLY B 84 1.30 -19.43 33.92
CA GLY B 84 2.00 -18.17 34.14
C GLY B 84 1.03 -17.02 34.28
N VAL B 85 1.58 -15.84 34.53
CA VAL B 85 0.81 -14.60 34.72
C VAL B 85 1.60 -13.47 34.04
N ASP B 86 0.96 -12.36 33.67
CA ASP B 86 -0.46 -12.07 33.85
C ASP B 86 -1.19 -11.98 32.52
N GLY B 87 -0.45 -11.61 31.47
CA GLY B 87 -1.04 -11.49 30.15
C GLY B 87 -0.42 -10.36 29.35
N LEU B 88 -0.95 -10.18 28.15
CA LEU B 88 -0.49 -9.17 27.21
C LEU B 88 -1.74 -8.47 26.65
N ALA B 89 -1.56 -7.24 26.18
CA ALA B 89 -2.68 -6.50 25.62
C ALA B 89 -2.28 -5.57 24.50
N PHE B 90 -3.16 -5.43 23.52
CA PHE B 90 -2.95 -4.50 22.43
C PHE B 90 -3.92 -3.36 22.77
N PHE B 91 -3.48 -2.12 22.70
CA PHE B 91 -4.37 -1.03 23.08
C PHE B 91 -4.25 0.29 22.34
N LEU B 92 -5.31 1.09 22.52
CA LEU B 92 -5.42 2.43 21.98
C LEU B 92 -5.69 3.30 23.22
N ALA B 93 -4.88 4.33 23.40
CA ALA B 93 -5.04 5.22 24.55
C ALA B 93 -4.75 6.64 24.10
N PRO B 94 -5.04 7.64 24.98
CA PRO B 94 -4.79 9.04 24.63
C PRO B 94 -3.32 9.23 24.21
N ALA B 95 -3.10 10.11 23.23
CA ALA B 95 -1.75 10.37 22.72
C ALA B 95 -0.70 10.61 23.80
N ASN B 96 0.37 9.82 23.74
CA ASN B 96 1.50 9.90 24.66
C ASN B 96 1.13 9.65 26.12
N SER B 97 0.21 8.71 26.29
CA SER B 97 -0.27 8.29 27.59
C SER B 97 0.89 7.61 28.35
N GLN B 98 0.94 7.81 29.67
CA GLN B 98 1.97 7.20 30.51
C GLN B 98 1.31 6.13 31.35
N ILE B 99 2.12 5.26 31.95
CA ILE B 99 1.60 4.21 32.81
C ILE B 99 1.00 4.90 34.04
N PRO B 100 -0.26 4.60 34.38
CA PRO B 100 -0.97 5.19 35.54
C PRO B 100 -0.28 4.86 36.86
N SER B 101 -0.44 5.75 37.84
CA SER B 101 0.15 5.54 39.17
C SER B 101 -0.63 4.43 39.84
N GLY B 102 0.09 3.58 40.56
CA GLY B 102 -0.56 2.49 41.25
C GLY B 102 -1.18 1.44 40.36
N SER B 103 -0.64 1.27 39.17
CA SER B 103 -1.18 0.26 38.28
C SER B 103 -0.58 -1.08 38.70
N SER B 104 -1.19 -2.16 38.28
CA SER B 104 -0.69 -3.47 38.62
C SER B 104 -0.61 -4.34 37.39
N ALA B 105 0.11 -5.45 37.50
CA ALA B 105 0.27 -6.37 36.38
C ALA B 105 -1.05 -6.89 35.86
N GLY B 106 -1.97 -7.16 36.78
CA GLY B 106 -3.28 -7.66 36.40
C GLY B 106 -4.13 -6.69 35.60
N MET B 107 -3.68 -5.43 35.58
CA MET B 107 -4.38 -4.38 34.82
C MET B 107 -3.54 -3.97 33.61
N PHE B 108 -2.48 -4.73 33.37
CA PHE B 108 -1.58 -4.55 32.24
C PHE B 108 -1.03 -3.14 32.08
N GLY B 109 -0.87 -2.43 33.20
CA GLY B 109 -0.36 -1.07 33.18
C GLY B 109 -1.25 -0.12 32.40
N LEU B 110 -2.54 -0.45 32.34
CA LEU B 110 -3.50 0.37 31.62
C LEU B 110 -4.49 1.03 32.58
N PHE B 111 -4.67 0.46 33.76
CA PHE B 111 -5.63 0.99 34.72
C PHE B 111 -5.11 1.17 36.16
N SER B 112 -5.65 2.20 36.83
CA SER B 112 -5.32 2.57 38.21
C SER B 112 -6.23 1.79 39.15
N SER B 113 -7.38 1.34 38.64
CA SER B 113 -8.38 0.60 39.41
C SER B 113 -9.30 -0.28 38.56
N SER B 114 -10.23 -0.97 39.21
CA SER B 114 -11.17 -1.84 38.53
C SER B 114 -12.50 -1.18 38.17
N ASP B 115 -12.62 0.12 38.44
CA ASP B 115 -13.84 0.87 38.13
C ASP B 115 -13.89 1.15 36.63
N SER B 116 -15.08 1.45 36.14
CA SER B 116 -15.27 1.75 34.74
C SER B 116 -15.43 3.26 34.53
N LYS B 117 -14.33 4.00 34.61
CA LYS B 117 -14.36 5.45 34.44
C LYS B 117 -14.22 5.83 32.97
N SER B 118 -15.11 6.70 32.49
CA SER B 118 -15.08 7.14 31.10
C SER B 118 -13.85 8.01 30.79
N SER B 119 -13.20 8.50 31.84
CA SER B 119 -12.02 9.34 31.72
C SER B 119 -10.75 8.52 31.42
N ASN B 120 -10.86 7.20 31.49
CA ASN B 120 -9.72 6.33 31.18
C ASN B 120 -9.39 6.43 29.69
N GLN B 121 -10.43 6.46 28.87
CA GLN B 121 -10.31 6.56 27.40
C GLN B 121 -9.39 5.49 26.85
N ILE B 122 -9.70 4.25 27.19
CA ILE B 122 -8.89 3.13 26.76
C ILE B 122 -9.70 1.97 26.18
N ILE B 123 -9.23 1.51 25.03
CA ILE B 123 -9.82 0.35 24.36
C ILE B 123 -8.64 -0.60 24.20
N ALA B 124 -8.81 -1.82 24.66
CA ALA B 124 -7.74 -2.80 24.58
C ALA B 124 -8.27 -4.19 24.34
N VAL B 125 -7.42 -5.01 23.75
CA VAL B 125 -7.72 -6.41 23.48
C VAL B 125 -6.69 -7.13 24.34
N GLU B 126 -7.18 -7.82 25.36
CA GLU B 126 -6.32 -8.54 26.28
C GLU B 126 -6.23 -10.04 26.03
N PHE B 127 -5.05 -10.58 26.30
CA PHE B 127 -4.76 -12.00 26.20
C PHE B 127 -4.36 -12.31 27.62
N ASP B 128 -5.39 -12.53 28.44
CA ASP B 128 -5.32 -12.76 29.87
C ASP B 128 -5.01 -14.20 30.28
N THR B 129 -3.85 -14.39 30.91
CA THR B 129 -3.43 -15.73 31.33
C THR B 129 -3.78 -16.06 32.79
N TYR B 130 -3.96 -15.02 33.60
CA TYR B 130 -4.31 -15.20 35.01
C TYR B 130 -5.74 -14.77 35.27
N PHE B 131 -6.51 -15.66 35.88
CA PHE B 131 -7.91 -15.40 36.17
C PHE B 131 -8.26 -15.72 37.62
N GLY B 132 -7.25 -15.79 38.49
CA GLY B 132 -7.47 -16.10 39.89
C GLY B 132 -8.46 -15.16 40.56
N LYS B 133 -9.55 -15.72 41.06
CA LYS B 133 -10.63 -14.99 41.71
C LYS B 133 -10.23 -14.17 42.97
N ALA B 134 -9.11 -14.50 43.60
CA ALA B 134 -8.65 -13.79 44.78
C ALA B 134 -8.14 -12.40 44.42
N TYR B 135 -7.33 -12.32 43.36
CA TYR B 135 -6.76 -11.04 42.94
C TYR B 135 -7.33 -10.41 41.66
N ASN B 136 -8.07 -11.19 40.86
CA ASN B 136 -8.69 -10.73 39.61
C ASN B 136 -10.15 -11.18 39.61
N PRO B 137 -10.93 -10.73 40.60
CA PRO B 137 -12.35 -11.11 40.70
C PRO B 137 -13.23 -10.83 39.48
N TRP B 138 -12.80 -9.93 38.62
CA TRP B 138 -13.55 -9.53 37.42
C TRP B 138 -13.42 -10.51 36.24
N ASP B 139 -12.42 -11.38 36.30
CA ASP B 139 -12.16 -12.33 35.23
C ASP B 139 -13.02 -13.60 35.25
N PRO B 140 -13.25 -14.20 34.08
CA PRO B 140 -14.05 -15.44 33.96
C PRO B 140 -13.15 -16.60 34.41
N ASP B 141 -13.70 -17.82 34.54
CA ASP B 141 -12.92 -18.95 35.02
C ASP B 141 -12.02 -19.71 34.05
N PHE B 142 -11.33 -18.98 33.18
CA PHE B 142 -10.42 -19.58 32.21
C PHE B 142 -9.57 -18.52 31.57
N LYS B 143 -8.48 -18.93 30.90
CA LYS B 143 -7.63 -17.97 30.19
C LYS B 143 -8.52 -17.43 29.06
N HIS B 144 -8.41 -16.14 28.78
CA HIS B 144 -9.30 -15.55 27.79
C HIS B 144 -8.75 -14.40 26.95
N ILE B 145 -9.51 -14.10 25.90
CA ILE B 145 -9.23 -12.96 25.03
C ILE B 145 -10.40 -12.06 25.39
N GLY B 146 -10.11 -10.81 25.74
CA GLY B 146 -11.18 -9.90 26.10
C GLY B 146 -11.08 -8.54 25.46
N ILE B 147 -12.26 -7.95 25.21
CA ILE B 147 -12.34 -6.61 24.62
C ILE B 147 -12.59 -5.72 25.84
N ASP B 148 -11.64 -4.84 26.11
CA ASP B 148 -11.75 -3.94 27.26
C ASP B 148 -12.06 -2.52 26.81
N VAL B 149 -13.10 -1.93 27.42
CA VAL B 149 -13.51 -0.58 27.09
C VAL B 149 -13.63 0.22 28.37
N ASN B 150 -12.60 1.00 28.65
CA ASN B 150 -12.54 1.86 29.84
C ASN B 150 -12.51 1.10 31.16
N SER B 151 -12.30 -0.20 31.10
CA SER B 151 -12.27 -1.02 32.30
C SER B 151 -11.59 -2.37 32.08
N ILE B 152 -10.93 -2.87 33.13
CA ILE B 152 -10.24 -4.14 33.09
C ILE B 152 -11.25 -5.30 33.08
N LYS B 153 -12.51 -4.97 33.32
CA LYS B 153 -13.59 -5.95 33.32
C LYS B 153 -14.14 -5.91 31.88
N SER B 154 -13.67 -6.86 31.07
CA SER B 154 -14.03 -6.97 29.66
C SER B 154 -15.53 -6.94 29.40
N ILE B 155 -15.93 -6.34 28.28
CA ILE B 155 -17.35 -6.28 27.92
C ILE B 155 -17.76 -7.60 27.24
N LYS B 156 -16.76 -8.30 26.72
CA LYS B 156 -16.98 -9.57 26.05
C LYS B 156 -15.68 -10.36 26.08
N THR B 157 -15.78 -11.64 26.41
CA THR B 157 -14.61 -12.50 26.46
C THR B 157 -14.90 -13.80 25.73
N VAL B 158 -13.85 -14.56 25.48
CA VAL B 158 -13.95 -15.84 24.83
C VAL B 158 -12.80 -16.70 25.34
N LYS B 159 -13.05 -18.00 25.47
CA LYS B 159 -12.04 -18.94 25.94
C LYS B 159 -10.81 -18.88 25.02
N TRP B 160 -9.65 -18.69 25.63
CA TRP B 160 -8.40 -18.64 24.87
C TRP B 160 -7.61 -19.92 25.10
N ASP B 161 -7.51 -20.73 24.05
CA ASP B 161 -6.79 -21.99 24.12
C ASP B 161 -5.30 -21.74 23.97
N TRP B 162 -4.71 -21.12 25.00
CA TRP B 162 -3.30 -20.79 25.02
C TRP B 162 -2.40 -22.03 24.90
N ARG B 163 -1.34 -21.89 24.11
CA ARG B 163 -0.37 -22.96 23.89
C ARG B 163 0.97 -22.42 24.39
N ASN B 164 1.49 -23.05 25.44
CA ASN B 164 2.75 -22.67 26.05
C ASN B 164 3.91 -22.67 25.06
N GLY B 165 4.56 -21.52 24.92
CA GLY B 165 5.72 -21.40 24.06
C GLY B 165 5.50 -21.35 22.57
N GLU B 166 4.28 -21.58 22.12
CA GLU B 166 3.97 -21.54 20.70
C GLU B 166 3.66 -20.12 20.20
N VAL B 167 3.98 -19.88 18.93
CA VAL B 167 3.74 -18.60 18.28
C VAL B 167 2.28 -18.46 17.86
N ALA B 168 1.68 -17.34 18.21
CA ALA B 168 0.29 -17.04 17.86
C ALA B 168 0.23 -15.88 16.89
N ASP B 169 -0.54 -16.04 15.81
CA ASP B 169 -0.69 -14.97 14.82
C ASP B 169 -2.04 -14.32 15.10
N VAL B 170 -2.06 -12.99 15.22
CA VAL B 170 -3.29 -12.29 15.51
C VAL B 170 -3.59 -11.21 14.47
N VAL B 171 -4.86 -11.10 14.09
CA VAL B 171 -5.32 -10.08 13.16
C VAL B 171 -6.49 -9.41 13.85
N ILE B 172 -6.43 -8.09 14.00
CA ILE B 172 -7.51 -7.35 14.63
C ILE B 172 -7.97 -6.33 13.62
N THR B 173 -9.27 -6.33 13.33
CA THR B 173 -9.82 -5.37 12.39
C THR B 173 -10.91 -4.55 13.04
N TYR B 174 -10.95 -3.28 12.68
CA TYR B 174 -12.00 -2.40 13.16
C TYR B 174 -12.59 -1.76 11.94
N ARG B 175 -13.85 -2.06 11.70
CA ARG B 175 -14.60 -1.54 10.57
C ARG B 175 -15.54 -0.44 11.05
N ALA B 176 -15.13 0.80 10.85
CA ALA B 176 -15.88 1.99 11.28
C ALA B 176 -17.37 2.02 10.90
N PRO B 177 -17.71 1.80 9.61
CA PRO B 177 -19.13 1.83 9.26
C PRO B 177 -20.07 0.92 10.06
N THR B 178 -19.56 -0.19 10.57
CA THR B 178 -20.40 -1.09 11.37
C THR B 178 -20.00 -1.15 12.85
N LYS B 179 -19.00 -0.34 13.22
CA LYS B 179 -18.51 -0.27 14.61
C LYS B 179 -18.14 -1.65 15.11
N SER B 180 -17.60 -2.47 14.22
CA SER B 180 -17.23 -3.84 14.52
C SER B 180 -15.73 -4.09 14.73
N LEU B 181 -15.41 -4.63 15.90
CA LEU B 181 -14.05 -4.97 16.26
C LEU B 181 -13.93 -6.50 16.31
N THR B 182 -13.13 -7.06 15.41
CA THR B 182 -12.94 -8.51 15.36
C THR B 182 -11.51 -8.93 15.68
N VAL B 183 -11.36 -9.91 16.56
CA VAL B 183 -10.05 -10.42 16.95
C VAL B 183 -9.92 -11.85 16.47
N CYS B 184 -8.97 -12.05 15.59
CA CYS B 184 -8.68 -13.34 14.97
C CYS B 184 -7.36 -13.92 15.45
N LEU B 185 -7.40 -15.02 16.20
CA LEU B 185 -6.15 -15.61 16.69
C LEU B 185 -5.99 -17.05 16.26
N SER B 186 -4.77 -17.39 15.85
CA SER B 186 -4.48 -18.75 15.41
C SER B 186 -3.05 -19.19 15.71
N TYR B 187 -2.89 -20.49 15.96
CA TYR B 187 -1.59 -21.10 16.24
C TYR B 187 -1.25 -21.99 15.05
N PRO B 188 -0.34 -21.53 14.16
CA PRO B 188 0.04 -22.33 13.00
C PRO B 188 0.58 -23.73 13.31
N SER B 189 1.15 -23.91 14.50
CA SER B 189 1.70 -25.20 14.90
C SER B 189 0.69 -26.35 14.98
N ASP B 190 -0.50 -26.10 15.52
CA ASP B 190 -1.52 -27.15 15.64
C ASP B 190 -2.90 -26.82 15.10
N GLY B 191 -3.05 -25.62 14.53
CA GLY B 191 -4.34 -25.23 13.98
C GLY B 191 -5.35 -24.67 14.95
N THR B 192 -4.98 -24.50 16.22
CA THR B 192 -5.88 -23.96 17.23
C THR B 192 -6.25 -22.52 16.87
N SER B 193 -7.55 -22.22 16.90
CA SER B 193 -8.03 -20.89 16.54
C SER B 193 -9.11 -20.35 17.46
N ASN B 194 -9.00 -19.08 17.83
CA ASN B 194 -9.98 -18.43 18.69
C ASN B 194 -10.39 -17.13 18.06
N ILE B 195 -11.67 -16.79 18.19
CA ILE B 195 -12.17 -15.55 17.57
C ILE B 195 -13.21 -14.87 18.45
N ILE B 196 -13.27 -13.55 18.36
CA ILE B 196 -14.22 -12.77 19.14
C ILE B 196 -14.49 -11.44 18.45
N THR B 197 -15.75 -11.02 18.45
CA THR B 197 -16.19 -9.76 17.84
C THR B 197 -17.06 -8.98 18.81
N ALA B 198 -17.00 -7.65 18.75
CA ALA B 198 -17.82 -6.80 19.61
C ALA B 198 -18.04 -5.45 18.97
N SER B 199 -19.13 -4.77 19.34
CA SER B 199 -19.41 -3.44 18.81
C SER B 199 -18.80 -2.39 19.71
N VAL B 200 -18.05 -1.48 19.12
CA VAL B 200 -17.40 -0.42 19.88
C VAL B 200 -17.39 0.84 19.03
N ASP B 201 -17.88 1.94 19.59
CA ASP B 201 -17.89 3.22 18.88
C ASP B 201 -16.67 3.98 19.38
N LEU B 202 -15.62 4.05 18.56
CA LEU B 202 -14.39 4.74 18.92
C LEU B 202 -14.60 6.21 19.26
N LYS B 203 -15.46 6.87 18.50
CA LYS B 203 -15.76 8.28 18.70
C LYS B 203 -16.32 8.54 20.10
N ALA B 204 -17.07 7.56 20.63
CA ALA B 204 -17.67 7.68 21.95
C ALA B 204 -16.67 7.42 23.07
N ILE B 205 -15.65 6.63 22.82
CA ILE B 205 -14.68 6.29 23.86
C ILE B 205 -13.36 7.05 23.88
N LEU B 206 -12.71 7.14 22.73
CA LEU B 206 -11.40 7.77 22.61
C LEU B 206 -11.38 9.19 22.09
N PRO B 207 -10.27 9.92 22.35
CA PRO B 207 -10.12 11.29 21.87
C PRO B 207 -9.71 11.19 20.39
N GLU B 208 -9.62 12.33 19.70
CA GLU B 208 -9.25 12.30 18.27
C GLU B 208 -7.87 11.70 18.02
N TRP B 209 -6.93 12.02 18.91
CA TRP B 209 -5.57 11.55 18.79
C TRP B 209 -5.20 10.50 19.81
N VAL B 210 -4.80 9.33 19.32
CA VAL B 210 -4.42 8.23 20.20
C VAL B 210 -3.04 7.65 19.88
N SER B 211 -2.54 6.86 20.82
CA SER B 211 -1.27 6.16 20.68
C SER B 211 -1.63 4.67 20.72
N VAL B 212 -1.01 3.87 19.85
CA VAL B 212 -1.29 2.44 19.84
C VAL B 212 -0.05 1.66 20.28
N GLY B 213 -0.28 0.50 20.89
CA GLY B 213 0.85 -0.30 21.32
C GLY B 213 0.49 -1.54 22.10
N PHE B 214 1.49 -2.09 22.78
CA PHE B 214 1.32 -3.28 23.57
C PHE B 214 1.68 -3.02 25.02
N SER B 215 1.05 -3.76 25.92
CA SER B 215 1.35 -3.63 27.33
C SER B 215 1.22 -5.03 27.91
N GLY B 216 1.81 -5.25 29.08
CA GLY B 216 1.74 -6.55 29.70
C GLY B 216 2.31 -6.51 31.10
N GLY B 217 2.14 -7.60 31.84
CA GLY B 217 2.65 -7.64 33.18
C GLY B 217 2.85 -9.03 33.74
N VAL B 218 3.66 -9.09 34.80
CA VAL B 218 3.96 -10.32 35.52
C VAL B 218 3.83 -9.91 36.98
N GLY B 219 2.72 -10.28 37.60
CA GLY B 219 2.46 -9.90 38.98
C GLY B 219 3.12 -10.75 40.05
N ASN B 220 3.45 -11.99 39.69
CA ASN B 220 4.07 -12.91 40.62
C ASN B 220 5.25 -13.60 39.95
N ALA B 221 6.45 -13.21 40.32
CA ALA B 221 7.66 -13.80 39.74
C ALA B 221 7.72 -15.32 39.85
N ALA B 222 7.03 -15.87 40.84
CA ALA B 222 7.02 -17.31 41.04
C ALA B 222 6.34 -18.03 39.88
N GLU B 223 5.39 -17.35 39.24
CA GLU B 223 4.65 -17.93 38.11
C GLU B 223 4.95 -17.15 36.82
N PHE B 224 6.25 -16.97 36.58
CA PHE B 224 6.78 -16.24 35.45
C PHE B 224 6.45 -16.81 34.06
N GLU B 225 6.34 -15.90 33.09
CA GLU B 225 6.07 -16.22 31.68
C GLU B 225 6.49 -15.01 30.87
N THR B 226 6.87 -15.24 29.63
CA THR B 226 7.28 -14.16 28.74
C THR B 226 6.08 -13.58 27.99
N HIS B 227 6.21 -12.35 27.52
CA HIS B 227 5.17 -11.68 26.75
C HIS B 227 5.91 -11.00 25.61
N ASP B 228 6.34 -11.82 24.65
CA ASP B 228 7.13 -11.34 23.52
C ASP B 228 6.35 -11.19 22.23
N VAL B 229 6.48 -10.03 21.58
CA VAL B 229 5.83 -9.82 20.29
C VAL B 229 6.96 -9.88 19.25
N LEU B 230 6.76 -10.70 18.23
CA LEU B 230 7.74 -10.95 17.18
C LEU B 230 7.74 -10.02 15.99
N SER B 231 6.55 -9.55 15.60
CA SER B 231 6.39 -8.65 14.47
C SER B 231 5.10 -7.84 14.66
N TRP B 232 4.94 -6.79 13.86
CA TRP B 232 3.78 -5.92 13.99
C TRP B 232 3.48 -5.11 12.74
N TYR B 233 2.25 -5.24 12.25
CA TYR B 233 1.77 -4.52 11.09
C TYR B 233 0.57 -3.69 11.54
N PHE B 234 0.47 -2.47 11.02
CA PHE B 234 -0.65 -1.59 11.38
C PHE B 234 -1.04 -0.61 10.28
N THR B 235 -2.35 -0.43 10.09
CA THR B 235 -2.88 0.51 9.10
C THR B 235 -4.14 1.16 9.64
N SER B 236 -4.28 2.46 9.38
CA SER B 236 -5.48 3.16 9.79
C SER B 236 -5.85 4.08 8.63
N ASN B 237 -7.14 4.39 8.52
CA ASN B 237 -7.61 5.24 7.44
C ASN B 237 -8.94 5.88 7.79
N LEU B 238 -9.02 7.20 7.61
CA LEU B 238 -10.23 8.00 7.88
C LEU B 238 -11.23 8.06 6.70
N GLU B 239 -12.46 7.58 6.94
N SER C 3 -8.12 1.40 0.83
CA SER C 3 -7.02 1.10 -0.07
C SER C 3 -7.32 1.51 -1.53
N ASP C 4 -6.26 1.66 -2.32
CA ASP C 4 -6.38 2.05 -3.73
C ASP C 4 -6.96 0.93 -4.57
N ASP C 5 -7.58 1.32 -5.70
CA ASP C 5 -8.20 0.35 -6.59
C ASP C 5 -7.22 -0.70 -7.11
N LEU C 6 -6.09 -0.25 -7.65
CA LEU C 6 -5.10 -1.18 -8.17
C LEU C 6 -3.69 -0.71 -7.86
N SER C 7 -2.81 -1.69 -7.69
CA SER C 7 -1.40 -1.44 -7.40
C SER C 7 -0.61 -2.70 -7.69
N PHE C 8 0.27 -2.64 -8.69
CA PHE C 8 1.12 -3.79 -9.01
C PHE C 8 2.59 -3.37 -9.19
N ASN C 9 3.49 -4.30 -8.92
CA ASN C 9 4.91 -4.02 -9.02
C ASN C 9 5.71 -5.22 -9.51
N PHE C 10 6.52 -4.97 -10.52
CA PHE C 10 7.38 -5.99 -11.11
C PHE C 10 8.81 -5.53 -10.95
N ASP C 11 9.56 -6.15 -10.04
CA ASP C 11 10.96 -5.81 -9.81
C ASP C 11 11.80 -6.36 -10.94
N LYS C 12 11.23 -7.35 -11.62
CA LYS C 12 11.89 -8.05 -12.70
C LYS C 12 10.78 -8.80 -13.43
N PHE C 13 11.04 -9.25 -14.66
CA PHE C 13 10.05 -10.00 -15.40
C PHE C 13 10.54 -11.45 -15.52
N VAL C 14 9.62 -12.35 -15.84
CA VAL C 14 9.95 -13.77 -16.00
C VAL C 14 9.47 -14.25 -17.35
N PRO C 15 10.28 -15.09 -18.05
CA PRO C 15 9.88 -15.58 -19.36
C PRO C 15 8.47 -16.16 -19.36
N ASN C 16 7.66 -15.72 -20.32
CA ASN C 16 6.27 -16.15 -20.44
C ASN C 16 5.49 -15.85 -19.17
N GLN C 17 5.45 -14.57 -18.83
CA GLN C 17 4.76 -14.06 -17.66
C GLN C 17 3.28 -14.04 -17.98
N LYS C 18 2.50 -14.80 -17.21
CA LYS C 18 1.06 -14.90 -17.46
C LYS C 18 0.22 -13.66 -17.21
N ASN C 19 0.74 -12.68 -16.49
CA ASN C 19 -0.05 -11.48 -16.25
C ASN C 19 0.31 -10.30 -17.15
N ILE C 20 1.02 -10.59 -18.24
CA ILE C 20 1.41 -9.60 -19.24
C ILE C 20 0.95 -10.19 -20.56
N ILE C 21 0.30 -9.39 -21.38
CA ILE C 21 -0.16 -9.83 -22.70
C ILE C 21 0.88 -9.34 -23.72
N PHE C 22 1.51 -10.28 -24.40
CA PHE C 22 2.53 -9.95 -25.39
C PHE C 22 1.94 -9.88 -26.78
N GLN C 23 2.19 -8.77 -27.46
CA GLN C 23 1.69 -8.57 -28.81
C GLN C 23 2.88 -8.28 -29.70
N GLY C 24 2.84 -8.80 -30.93
CA GLY C 24 3.94 -8.58 -31.83
C GLY C 24 5.20 -9.32 -31.40
N ASP C 25 6.32 -8.63 -31.44
CA ASP C 25 7.61 -9.23 -31.09
C ASP C 25 8.01 -9.12 -29.62
N ALA C 26 7.14 -8.52 -28.81
CA ALA C 26 7.45 -8.34 -27.39
C ALA C 26 7.59 -9.69 -26.67
N SER C 27 8.55 -9.74 -25.77
CA SER C 27 8.83 -10.94 -24.99
C SER C 27 9.77 -10.59 -23.85
N VAL C 28 10.00 -11.54 -22.96
CA VAL C 28 10.92 -11.31 -21.84
C VAL C 28 12.05 -12.34 -21.89
N SER C 29 13.29 -11.83 -21.90
CA SER C 29 14.49 -12.64 -21.96
C SER C 29 14.74 -13.46 -20.70
N THR C 30 15.72 -14.35 -20.78
CA THR C 30 16.07 -15.19 -19.63
C THR C 30 16.72 -14.39 -18.51
N THR C 31 17.21 -13.19 -18.84
CA THR C 31 17.85 -12.31 -17.85
C THR C 31 16.80 -11.48 -17.09
N GLY C 32 15.53 -11.73 -17.38
CA GLY C 32 14.45 -11.03 -16.71
C GLY C 32 14.06 -9.65 -17.21
N VAL C 33 14.45 -9.29 -18.43
CA VAL C 33 14.07 -7.97 -18.94
C VAL C 33 13.02 -8.08 -20.06
N LEU C 34 12.12 -7.11 -20.08
CA LEU C 34 11.06 -7.05 -21.08
C LEU C 34 11.60 -6.37 -22.32
N GLN C 35 11.80 -7.16 -23.38
CA GLN C 35 12.29 -6.63 -24.65
C GLN C 35 11.06 -6.40 -25.52
N VAL C 36 10.52 -5.18 -25.50
CA VAL C 36 9.32 -4.87 -26.28
C VAL C 36 9.59 -4.97 -27.77
N THR C 37 10.88 -4.81 -28.11
CA THR C 37 11.37 -4.87 -29.47
C THR C 37 12.31 -6.08 -29.54
N LYS C 38 12.26 -6.83 -30.64
CA LYS C 38 13.11 -8.02 -30.79
C LYS C 38 14.61 -7.74 -30.91
N VAL C 39 15.40 -8.51 -30.17
CA VAL C 39 16.86 -8.41 -30.22
C VAL C 39 17.34 -9.77 -30.74
N SER C 40 17.87 -9.81 -31.97
CA SER C 40 18.26 -11.12 -32.51
C SER C 40 19.64 -11.37 -33.10
N LYS C 41 20.17 -10.42 -33.88
CA LYS C 41 21.49 -10.57 -34.53
C LYS C 41 21.63 -11.93 -35.24
N PRO C 42 21.34 -11.99 -36.55
CA PRO C 42 20.92 -10.93 -37.48
C PRO C 42 19.69 -10.15 -37.03
N THR C 43 19.87 -8.83 -36.98
CA THR C 43 18.85 -7.87 -36.57
C THR C 43 17.72 -7.76 -37.58
N THR C 44 16.58 -7.23 -37.14
CA THR C 44 15.42 -7.12 -38.03
C THR C 44 14.36 -6.07 -37.65
N THR C 45 13.51 -5.71 -38.61
CA THR C 45 12.42 -4.75 -38.39
C THR C 45 11.54 -5.39 -37.32
N SER C 46 11.01 -4.58 -36.41
CA SER C 46 10.21 -5.10 -35.32
C SER C 46 9.19 -4.13 -34.73
N ILE C 47 8.11 -4.69 -34.20
CA ILE C 47 7.05 -3.92 -33.53
C ILE C 47 6.53 -4.83 -32.42
N GLY C 48 6.38 -4.27 -31.22
CA GLY C 48 5.89 -5.06 -30.12
C GLY C 48 5.18 -4.25 -29.04
N ARG C 49 4.28 -4.91 -28.32
CA ARG C 49 3.54 -4.28 -27.24
C ARG C 49 3.36 -5.29 -26.13
N ALA C 50 3.34 -4.81 -24.89
CA ALA C 50 3.14 -5.66 -23.72
C ALA C 50 2.16 -4.92 -22.81
N LEU C 51 1.04 -5.56 -22.50
CA LEU C 51 0.02 -4.94 -21.68
C LEU C 51 -0.18 -5.73 -20.40
N TYR C 52 -0.65 -5.07 -19.35
CA TYR C 52 -0.96 -5.77 -18.11
C TYR C 52 -2.22 -6.54 -18.48
N ALA C 53 -2.28 -7.81 -18.11
CA ALA C 53 -3.39 -8.69 -18.44
C ALA C 53 -4.79 -8.25 -18.04
N ALA C 54 -4.92 -7.44 -17.00
CA ALA C 54 -6.25 -6.99 -16.55
C ALA C 54 -6.56 -5.54 -16.88
N PRO C 55 -7.76 -5.28 -17.43
CA PRO C 55 -8.18 -3.93 -17.79
C PRO C 55 -8.30 -3.11 -16.51
N ILE C 56 -8.20 -1.79 -16.64
CA ILE C 56 -8.28 -0.89 -15.51
C ILE C 56 -9.40 0.13 -15.75
N GLN C 57 -10.15 0.46 -14.70
CA GLN C 57 -11.21 1.44 -14.84
C GLN C 57 -10.60 2.82 -14.61
N ILE C 58 -10.46 3.57 -15.69
CA ILE C 58 -9.85 4.89 -15.63
C ILE C 58 -10.84 6.00 -15.26
N TRP C 59 -12.13 5.73 -15.42
CA TRP C 59 -13.18 6.68 -15.04
C TRP C 59 -14.52 5.95 -14.95
N ASP C 60 -15.43 6.47 -14.12
CA ASP C 60 -16.75 5.87 -13.92
C ASP C 60 -17.85 6.78 -14.46
N SER C 61 -18.69 6.21 -15.32
CA SER C 61 -19.78 6.98 -15.91
C SER C 61 -20.93 7.19 -14.93
N ILE C 62 -21.01 6.35 -13.91
CA ILE C 62 -22.06 6.45 -12.90
C ILE C 62 -21.84 7.66 -11.99
N THR C 63 -20.66 7.71 -11.37
CA THR C 63 -20.30 8.79 -10.44
C THR C 63 -19.62 10.00 -11.07
N GLY C 64 -19.09 9.83 -12.28
CA GLY C 64 -18.40 10.93 -12.95
C GLY C 64 -16.93 11.04 -12.54
N LYS C 65 -16.53 10.26 -11.54
CA LYS C 65 -15.17 10.23 -11.02
C LYS C 65 -14.12 9.85 -12.07
N VAL C 66 -12.94 10.45 -11.98
CA VAL C 66 -11.84 10.12 -12.87
C VAL C 66 -10.69 9.62 -11.99
N ALA C 67 -9.97 8.61 -12.48
CA ALA C 67 -8.86 8.05 -11.71
C ALA C 67 -7.55 8.82 -11.81
N SER C 68 -6.83 8.83 -10.71
CA SER C 68 -5.49 9.44 -10.67
C SER C 68 -4.59 8.22 -10.71
N PHE C 69 -3.46 8.31 -11.38
CA PHE C 69 -2.56 7.16 -11.42
C PHE C 69 -1.12 7.63 -11.44
N ALA C 70 -0.24 6.71 -11.08
CA ALA C 70 1.18 6.98 -11.05
C ALA C 70 1.87 5.69 -11.47
N THR C 71 2.92 5.83 -12.27
CA THR C 71 3.64 4.67 -12.72
C THR C 71 5.13 4.97 -12.72
N SER C 72 5.92 3.94 -12.52
CA SER C 72 7.35 4.08 -12.50
C SER C 72 7.98 2.90 -13.18
N PHE C 73 8.93 3.17 -14.07
CA PHE C 73 9.65 2.12 -14.79
C PHE C 73 11.05 2.57 -15.16
N SER C 74 11.92 1.60 -15.38
CA SER C 74 13.29 1.89 -15.78
C SER C 74 13.50 1.21 -17.12
N PHE C 75 14.08 1.92 -18.06
CA PHE C 75 14.30 1.34 -19.37
C PHE C 75 15.68 1.66 -19.92
N VAL C 76 16.09 0.87 -20.89
CA VAL C 76 17.38 1.03 -21.54
C VAL C 76 17.18 0.96 -23.05
N VAL C 77 17.82 1.88 -23.76
CA VAL C 77 17.78 1.92 -25.22
C VAL C 77 19.24 1.92 -25.67
N LYS C 78 19.72 0.75 -26.07
CA LYS C 78 21.11 0.57 -26.51
C LYS C 78 21.21 0.41 -28.02
N ALA C 79 21.80 1.42 -28.67
CA ALA C 79 21.99 1.40 -30.11
C ALA C 79 23.38 0.87 -30.49
N ASP C 80 23.46 0.13 -31.58
CA ASP C 80 24.73 -0.43 -32.06
C ASP C 80 25.63 0.72 -32.47
N LYS C 81 25.16 1.56 -33.39
CA LYS C 81 25.90 2.71 -33.84
C LYS C 81 25.61 3.84 -32.84
N SER C 82 25.89 5.09 -33.20
CA SER C 82 25.65 6.20 -32.29
C SER C 82 24.17 6.58 -32.26
N ASP C 83 23.42 6.10 -33.24
CA ASP C 83 21.99 6.39 -33.35
C ASP C 83 21.18 5.15 -33.62
N GLY C 84 19.90 5.23 -33.29
CA GLY C 84 19.00 4.13 -33.49
C GLY C 84 17.58 4.60 -33.71
N VAL C 85 16.70 3.63 -33.97
CA VAL C 85 15.28 3.88 -34.22
C VAL C 85 14.48 2.75 -33.54
N ASP C 86 13.20 2.94 -33.23
CA ASP C 86 12.43 4.15 -33.48
C ASP C 86 12.02 4.83 -32.17
N GLY C 87 11.91 4.03 -31.11
CA GLY C 87 11.52 4.58 -29.82
C GLY C 87 10.67 3.61 -29.02
N LEU C 88 10.26 4.07 -27.84
CA LEU C 88 9.45 3.29 -26.91
C LEU C 88 8.31 4.20 -26.42
N ALA C 89 7.22 3.59 -25.99
CA ALA C 89 6.09 4.37 -25.50
C ALA C 89 5.33 3.67 -24.38
N PHE C 90 4.83 4.47 -23.45
CA PHE C 90 4.00 3.96 -22.37
C PHE C 90 2.61 4.44 -22.79
N PHE C 91 1.60 3.57 -22.73
CA PHE C 91 0.29 3.98 -23.18
C PHE C 91 -0.92 3.41 -22.48
N LEU C 92 -2.05 4.07 -22.72
CA LEU C 92 -3.35 3.68 -22.21
C LEU C 92 -4.20 3.60 -23.46
N ALA C 93 -4.86 2.45 -23.66
CA ALA C 93 -5.69 2.24 -24.83
C ALA C 93 -6.94 1.46 -24.42
N PRO C 94 -7.92 1.34 -25.33
CA PRO C 94 -9.15 0.60 -25.00
C PRO C 94 -8.79 -0.82 -24.53
N ALA C 95 -9.57 -1.34 -23.58
CA ALA C 95 -9.33 -2.66 -23.01
C ALA C 95 -9.12 -3.75 -24.07
N ASN C 96 -8.02 -4.46 -23.93
CA ASN C 96 -7.62 -5.56 -24.81
C ASN C 96 -7.48 -5.17 -26.28
N SER C 97 -6.93 -3.97 -26.46
CA SER C 97 -6.66 -3.39 -27.77
C SER C 97 -5.57 -4.23 -28.46
N GLN C 98 -5.70 -4.39 -29.77
CA GLN C 98 -4.72 -5.15 -30.55
C GLN C 98 -3.92 -4.17 -31.39
N ILE C 99 -2.80 -4.62 -31.93
CA ILE C 99 -1.98 -3.76 -32.79
C ILE C 99 -2.81 -3.50 -34.06
N PRO C 100 -2.98 -2.23 -34.44
CA PRO C 100 -3.72 -1.82 -35.64
C PRO C 100 -3.12 -2.39 -36.92
N SER C 101 -3.96 -2.58 -37.94
CA SER C 101 -3.49 -3.09 -39.23
C SER C 101 -2.71 -1.97 -39.91
N GLY C 102 -1.62 -2.34 -40.57
CA GLY C 102 -0.83 -1.36 -41.27
C GLY C 102 -0.14 -0.35 -40.38
N SER C 103 0.18 -0.76 -39.15
CA SER C 103 0.88 0.13 -38.25
C SER C 103 2.35 0.04 -38.61
N SER C 104 3.13 1.04 -38.21
CA SER C 104 4.55 1.05 -38.49
C SER C 104 5.34 1.33 -37.22
N ALA C 105 6.64 1.07 -37.27
CA ALA C 105 7.50 1.28 -36.13
C ALA C 105 7.47 2.72 -35.64
N GLY C 106 7.41 3.65 -36.58
CA GLY C 106 7.39 5.08 -36.25
C GLY C 106 6.14 5.52 -35.51
N MET C 107 5.13 4.64 -35.50
CA MET C 107 3.88 4.91 -34.80
C MET C 107 3.74 4.02 -33.58
N PHE C 108 4.84 3.31 -33.28
CA PHE C 108 4.95 2.45 -32.11
C PHE C 108 3.85 1.41 -31.97
N GLY C 109 3.29 0.98 -33.10
CA GLY C 109 2.23 -0.01 -33.08
C GLY C 109 0.98 0.48 -32.36
N LEU C 110 0.81 1.80 -32.34
CA LEU C 110 -0.33 2.43 -31.71
C LEU C 110 -1.27 3.07 -32.72
N PHE C 111 -0.76 3.42 -33.90
CA PHE C 111 -1.57 4.09 -34.92
C PHE C 111 -1.50 3.50 -36.33
N SER C 112 -2.62 3.60 -37.05
CA SER C 112 -2.80 3.13 -38.43
C SER C 112 -2.36 4.23 -39.38
N SER C 113 -2.40 5.47 -38.90
CA SER C 113 -2.03 6.65 -39.71
C SER C 113 -1.60 7.85 -38.86
N SER C 114 -1.29 8.96 -39.55
CA SER C 114 -0.84 10.17 -38.87
C SER C 114 -1.97 11.17 -38.57
N ASP C 115 -3.21 10.78 -38.88
CA ASP C 115 -4.36 11.64 -38.63
C ASP C 115 -4.70 11.64 -37.15
N SER C 116 -5.44 12.65 -36.71
CA SER C 116 -5.85 12.75 -35.32
C SER C 116 -7.31 12.36 -35.17
N LYS C 117 -7.58 11.06 -35.23
CA LYS C 117 -8.94 10.53 -35.09
C LYS C 117 -9.32 10.30 -33.62
N SER C 118 -10.49 10.81 -33.22
CA SER C 118 -10.94 10.67 -31.84
C SER C 118 -11.31 9.22 -31.50
N SER C 119 -11.48 8.41 -32.54
CA SER C 119 -11.82 7.00 -32.37
C SER C 119 -10.60 6.15 -32.00
N ASN C 120 -9.40 6.73 -32.04
CA ASN C 120 -8.19 6.00 -31.67
C ASN C 120 -8.22 5.70 -30.18
N GLN C 121 -8.68 6.67 -29.40
CA GLN C 121 -8.78 6.57 -27.94
C GLN C 121 -7.47 6.12 -27.32
N ILE C 122 -6.40 6.85 -27.65
CA ILE C 122 -5.09 6.53 -27.15
C ILE C 122 -4.34 7.72 -26.55
N ILE C 123 -3.78 7.49 -25.37
CA ILE C 123 -2.97 8.48 -24.69
C ILE C 123 -1.65 7.75 -24.45
N ALA C 124 -0.56 8.36 -24.91
CA ALA C 124 0.74 7.73 -24.76
C ALA C 124 1.83 8.75 -24.51
N VAL C 125 2.89 8.27 -23.87
CA VAL C 125 4.06 9.08 -23.58
C VAL C 125 5.15 8.37 -24.37
N GLU C 126 5.65 9.05 -25.39
CA GLU C 126 6.67 8.49 -26.25
C GLU C 126 8.08 8.97 -25.96
N PHE C 127 9.03 8.07 -26.16
CA PHE C 127 10.45 8.35 -26.00
C PHE C 127 10.95 8.04 -27.41
N ASP C 128 10.80 9.05 -28.25
CA ASP C 128 11.11 9.04 -29.68
C ASP C 128 12.57 9.26 -30.02
N THR C 129 13.21 8.24 -30.60
CA THR C 129 14.62 8.33 -30.98
C THR C 129 14.84 8.74 -32.42
N TYR C 130 13.85 8.50 -33.27
CA TYR C 130 13.96 8.85 -34.69
C TYR C 130 13.03 10.02 -35.02
N PHE C 131 13.60 11.04 -35.65
CA PHE C 131 12.84 12.23 -36.00
C PHE C 131 13.08 12.65 -37.46
N GLY C 132 13.54 11.70 -38.28
CA GLY C 132 13.81 12.01 -39.68
C GLY C 132 12.60 12.52 -40.43
N LYS C 133 12.72 13.70 -41.05
CA LYS C 133 11.61 14.30 -41.80
C LYS C 133 11.12 13.48 -43.00
N ALA C 134 12.02 12.69 -43.58
CA ALA C 134 11.67 11.86 -44.73
C ALA C 134 10.57 10.87 -44.38
N TYR C 135 10.64 10.28 -43.20
CA TYR C 135 9.67 9.29 -42.72
C TYR C 135 8.74 9.72 -41.57
N ASN C 136 9.19 10.62 -40.72
CA ASN C 136 8.40 11.11 -39.60
C ASN C 136 8.30 12.65 -39.67
N PRO C 137 7.57 13.18 -40.66
CA PRO C 137 7.42 14.63 -40.81
C PRO C 137 6.77 15.39 -39.63
N TRP C 138 6.05 14.68 -38.80
CA TRP C 138 5.37 15.26 -37.64
C TRP C 138 6.27 15.55 -36.43
N ASP C 139 7.46 14.93 -36.41
CA ASP C 139 8.40 15.07 -35.30
C ASP C 139 9.24 16.33 -35.34
N PRO C 140 9.68 16.82 -34.15
CA PRO C 140 10.52 18.01 -34.04
C PRO C 140 11.95 17.59 -34.42
N ASP C 141 12.88 18.55 -34.54
CA ASP C 141 14.26 18.23 -34.95
C ASP C 141 15.25 17.70 -33.93
N PHE C 142 14.79 16.82 -33.05
CA PHE C 142 15.65 16.23 -32.01
C PHE C 142 14.95 15.05 -31.37
N LYS C 143 15.70 14.24 -30.64
CA LYS C 143 15.10 13.10 -29.95
C LYS C 143 14.23 13.75 -28.88
N HIS C 144 13.06 13.17 -28.61
CA HIS C 144 12.14 13.81 -27.68
C HIS C 144 11.24 12.91 -26.86
N ILE C 145 10.63 13.53 -25.84
CA ILE C 145 9.65 12.87 -25.00
C ILE C 145 8.39 13.61 -25.42
N GLY C 146 7.35 12.87 -25.79
CA GLY C 146 6.14 13.52 -26.21
C GLY C 146 4.88 12.94 -25.60
N ILE C 147 3.88 13.81 -25.42
CA ILE C 147 2.59 13.41 -24.88
C ILE C 147 1.72 13.27 -26.12
N ASP C 148 1.25 12.06 -26.39
CA ASP C 148 0.42 11.80 -27.56
C ASP C 148 -1.02 11.57 -27.17
N VAL C 149 -1.91 12.31 -27.83
CA VAL C 149 -3.34 12.19 -27.55
C VAL C 149 -4.08 11.96 -28.86
N ASN C 150 -4.42 10.70 -29.12
CA ASN C 150 -5.14 10.30 -30.32
C ASN C 150 -4.38 10.53 -31.62
N SER C 151 -3.09 10.81 -31.52
CA SER C 151 -2.27 11.07 -32.71
C SER C 151 -0.76 10.93 -32.42
N ILE C 152 -0.02 10.48 -33.43
CA ILE C 152 1.42 10.31 -33.33
C ILE C 152 2.12 11.68 -33.33
N LYS C 153 1.36 12.73 -33.63
CA LYS C 153 1.86 14.10 -33.63
C LYS C 153 1.57 14.62 -32.23
N SER C 154 2.58 14.56 -31.37
CA SER C 154 2.49 14.97 -29.97
C SER C 154 1.90 16.36 -29.79
N ILE C 155 1.17 16.54 -28.70
CA ILE C 155 0.57 17.85 -28.38
C ILE C 155 1.60 18.72 -27.69
N LYS C 156 2.60 18.08 -27.10
CA LYS C 156 3.68 18.77 -26.40
C LYS C 156 4.89 17.86 -26.35
N THR C 157 6.05 18.42 -26.67
CA THR C 157 7.30 17.66 -26.65
C THR C 157 8.37 18.42 -25.91
N VAL C 158 9.44 17.73 -25.58
CA VAL C 158 10.57 18.31 -24.89
C VAL C 158 11.82 17.56 -25.35
N LYS C 159 12.94 18.26 -25.46
CA LYS C 159 14.20 17.65 -25.86
C LYS C 159 14.55 16.52 -24.89
N TRP C 160 14.85 15.36 -25.44
CA TRP C 160 15.23 14.19 -24.65
C TRP C 160 16.72 13.93 -24.81
N ASP C 161 17.46 14.17 -23.74
CA ASP C 161 18.91 13.97 -23.74
C ASP C 161 19.22 12.49 -23.54
N TRP C 162 18.91 11.70 -24.55
CA TRP C 162 19.12 10.26 -24.53
C TRP C 162 20.58 9.89 -24.34
N ARG C 163 20.82 8.87 -23.50
CA ARG C 163 22.16 8.37 -23.23
C ARG C 163 22.19 6.92 -23.69
N ASN C 164 22.99 6.64 -24.70
CA ASN C 164 23.12 5.31 -25.27
C ASN C 164 23.51 4.27 -24.23
N GLY C 165 22.68 3.24 -24.10
CA GLY C 165 22.96 2.14 -23.19
C GLY C 165 22.78 2.36 -21.71
N GLU C 166 22.52 3.60 -21.31
CA GLU C 166 22.32 3.90 -19.90
C GLU C 166 20.88 3.69 -19.47
N VAL C 167 20.71 3.32 -18.20
CA VAL C 167 19.40 3.09 -17.59
C VAL C 167 18.74 4.42 -17.20
N ALA C 168 17.48 4.57 -17.62
CA ALA C 168 16.69 5.76 -17.32
C ALA C 168 15.54 5.39 -16.39
N ASP C 169 15.35 6.18 -15.34
CA ASP C 169 14.27 5.96 -14.40
C ASP C 169 13.17 6.97 -14.75
N VAL C 170 11.94 6.50 -14.89
CA VAL C 170 10.84 7.38 -15.25
C VAL C 170 9.69 7.28 -14.25
N VAL C 171 9.11 8.43 -13.93
CA VAL C 171 7.95 8.49 -13.05
C VAL C 171 6.93 9.31 -13.81
N ILE C 172 5.74 8.76 -13.99
CA ILE C 172 4.67 9.45 -14.69
C ILE C 172 3.50 9.55 -13.73
N THR C 173 3.01 10.76 -13.50
CA THR C 173 1.88 10.94 -12.60
C THR C 173 0.74 11.63 -13.31
N TYR C 174 -0.47 11.21 -12.98
CA TYR C 174 -1.65 11.84 -13.53
C TYR C 174 -2.52 12.18 -12.34
N ARG C 175 -2.72 13.48 -12.15
CA ARG C 175 -3.53 14.00 -11.06
C ARG C 175 -4.88 14.45 -11.62
N ALA C 176 -5.88 13.62 -11.43
CA ALA C 176 -7.23 13.87 -11.92
C ALA C 176 -7.83 15.25 -11.61
N PRO C 177 -7.80 15.68 -10.34
CA PRO C 177 -8.37 17.00 -10.04
C PRO C 177 -7.85 18.19 -10.86
N THR C 178 -6.59 18.12 -11.32
CA THR C 178 -6.04 19.21 -12.12
C THR C 178 -5.78 18.81 -13.56
N LYS C 179 -6.16 17.58 -13.92
CA LYS C 179 -5.98 17.05 -15.28
C LYS C 179 -4.53 17.20 -15.74
N SER C 180 -3.61 17.04 -14.80
CA SER C 180 -2.18 17.20 -15.06
C SER C 180 -1.40 15.91 -15.21
N LEU C 181 -0.73 15.76 -16.36
CA LEU C 181 0.10 14.61 -16.63
C LEU C 181 1.56 15.06 -16.65
N THR C 182 2.35 14.56 -15.70
CA THR C 182 3.77 14.92 -15.60
C THR C 182 4.70 13.73 -15.85
N VAL C 183 5.70 13.95 -16.70
CA VAL C 183 6.66 12.91 -17.03
C VAL C 183 8.02 13.33 -16.50
N CYS C 184 8.53 12.52 -15.58
CA CYS C 184 9.81 12.75 -14.91
C CYS C 184 10.85 11.74 -15.33
N LEU C 185 11.88 12.17 -16.05
CA LEU C 185 12.91 11.23 -16.47
C LEU C 185 14.30 11.61 -15.98
N SER C 186 15.05 10.62 -15.52
CA SER C 186 16.40 10.85 -15.04
C SER C 186 17.34 9.67 -15.26
N TYR C 187 18.61 10.01 -15.47
CA TYR C 187 19.67 9.03 -15.68
C TYR C 187 20.58 9.07 -14.46
N PRO C 188 20.45 8.08 -13.55
CA PRO C 188 21.29 8.05 -12.35
C PRO C 188 22.81 8.07 -12.60
N SER C 189 23.23 7.57 -13.75
CA SER C 189 24.65 7.53 -14.09
C SER C 189 25.35 8.89 -14.18
N ASP C 190 24.69 9.89 -14.78
CA ASP C 190 25.30 11.21 -14.92
C ASP C 190 24.46 12.40 -14.45
N GLY C 191 23.28 12.11 -13.91
CA GLY C 191 22.41 13.17 -13.42
C GLY C 191 21.55 13.88 -14.45
N THR C 192 21.59 13.43 -15.71
CA THR C 192 20.78 14.05 -16.77
C THR C 192 19.31 13.87 -16.47
N SER C 193 18.54 14.97 -16.55
CA SER C 193 17.12 14.92 -16.25
C SER C 193 16.27 15.70 -17.23
N ASN C 194 15.14 15.12 -17.62
CA ASN C 194 14.21 15.77 -18.54
C ASN C 194 12.81 15.68 -17.94
N ILE C 195 12.02 16.72 -18.14
CA ILE C 195 10.68 16.75 -17.59
C ILE C 195 9.70 17.44 -18.54
N ILE C 196 8.45 17.01 -18.47
CA ILE C 196 7.41 17.59 -19.31
C ILE C 196 6.04 17.35 -18.69
N THR C 197 5.17 18.36 -18.74
CA THR C 197 3.80 18.19 -18.24
C THR C 197 2.80 18.79 -19.21
N ALA C 198 1.59 18.25 -19.22
CA ALA C 198 0.55 18.71 -20.10
C ALA C 198 -0.82 18.43 -19.49
N SER C 199 -1.83 19.16 -19.94
CA SER C 199 -3.19 18.94 -19.45
C SER C 199 -3.91 17.97 -20.37
N VAL C 200 -4.52 16.96 -19.77
CA VAL C 200 -5.23 15.95 -20.53
C VAL C 200 -6.43 15.50 -19.70
N ASP C 201 -7.60 15.53 -20.32
CA ASP C 201 -8.81 15.08 -19.65
C ASP C 201 -9.07 13.65 -20.11
N LEU C 202 -8.76 12.68 -19.25
CA LEU C 202 -8.93 11.26 -19.57
C LEU C 202 -10.36 10.90 -19.97
N LYS C 203 -11.32 11.48 -19.25
CA LYS C 203 -12.73 11.24 -19.51
C LYS C 203 -13.14 11.64 -20.94
N ALA C 204 -12.47 12.65 -21.47
CA ALA C 204 -12.75 13.14 -22.82
C ALA C 204 -12.11 12.28 -23.90
N ILE C 205 -10.99 11.63 -23.57
CA ILE C 205 -10.28 10.83 -24.56
C ILE C 205 -10.48 9.32 -24.55
N LEU C 206 -10.40 8.72 -23.36
CA LEU C 206 -10.51 7.28 -23.22
C LEU C 206 -11.85 6.72 -22.74
N PRO C 207 -12.07 5.42 -22.98
CA PRO C 207 -13.32 4.79 -22.53
C PRO C 207 -13.14 4.48 -21.03
N GLU C 208 -14.18 4.01 -20.36
CA GLU C 208 -14.08 3.70 -18.92
C GLU C 208 -13.03 2.65 -18.60
N TRP C 209 -12.94 1.64 -19.46
CA TRP C 209 -12.00 0.54 -19.26
C TRP C 209 -10.85 0.58 -20.25
N VAL C 210 -9.63 0.65 -19.71
CA VAL C 210 -8.44 0.67 -20.54
C VAL C 210 -7.40 -0.39 -20.15
N SER C 211 -6.44 -0.58 -21.06
CA SER C 211 -5.33 -1.50 -20.85
C SER C 211 -4.08 -0.61 -20.87
N VAL C 212 -3.15 -0.86 -19.95
CA VAL C 212 -1.93 -0.08 -19.90
C VAL C 212 -0.72 -0.95 -20.26
N GLY C 213 0.30 -0.32 -20.85
CA GLY C 213 1.48 -1.07 -21.21
C GLY C 213 2.53 -0.30 -21.97
N PHE C 214 3.43 -1.05 -22.60
CA PHE C 214 4.51 -0.45 -23.38
C PHE C 214 4.44 -0.95 -24.80
N SER C 215 4.92 -0.11 -25.71
CA SER C 215 4.98 -0.46 -27.12
C SER C 215 6.27 0.15 -27.66
N GLY C 216 6.74 -0.36 -28.80
CA GLY C 216 7.95 0.15 -29.39
C GLY C 216 8.18 -0.42 -30.76
N GLY C 217 9.16 0.13 -31.46
CA GLY C 217 9.44 -0.37 -32.80
C GLY C 217 10.81 -0.05 -33.32
N VAL C 218 11.21 -0.81 -34.32
CA VAL C 218 12.49 -0.65 -35.01
C VAL C 218 12.12 -0.72 -36.49
N GLY C 219 12.09 0.44 -37.14
CA GLY C 219 11.71 0.50 -38.54
C GLY C 219 12.77 0.17 -39.56
N ASN C 220 14.02 0.34 -39.16
CA ASN C 220 15.15 0.08 -40.03
C ASN C 220 16.21 -0.75 -39.31
N ALA C 221 16.32 -2.02 -39.70
CA ALA C 221 17.26 -2.98 -39.10
C ALA C 221 18.72 -2.51 -39.15
N ALA C 222 19.00 -1.57 -40.05
CA ALA C 222 20.34 -1.04 -40.21
C ALA C 222 20.71 -0.12 -39.06
N GLU C 223 19.71 0.54 -38.47
CA GLU C 223 19.92 1.45 -37.36
C GLU C 223 19.26 0.93 -36.09
N PHE C 224 19.57 -0.33 -35.80
CA PHE C 224 19.05 -1.07 -34.66
C PHE C 224 19.39 -0.50 -33.28
N GLU C 225 18.46 -0.72 -32.34
CA GLU C 225 18.59 -0.32 -30.94
C GLU C 225 17.59 -1.13 -30.14
N THR C 226 17.89 -1.37 -28.86
CA THR C 226 17.00 -2.13 -28.00
C THR C 226 16.00 -1.20 -27.32
N HIS C 227 14.89 -1.77 -26.87
CA HIS C 227 13.85 -1.02 -26.16
C HIS C 227 13.44 -1.94 -25.02
N ASP C 228 14.33 -2.01 -24.02
CA ASP C 228 14.14 -2.88 -22.87
C ASP C 228 13.64 -2.18 -21.61
N VAL C 229 12.59 -2.71 -21.00
CA VAL C 229 12.11 -2.15 -19.73
C VAL C 229 12.52 -3.16 -18.65
N LEU C 230 13.20 -2.65 -17.62
CA LEU C 230 13.75 -3.43 -16.52
C LEU C 230 12.82 -3.74 -15.36
N SER C 231 11.94 -2.80 -15.04
CA SER C 231 10.99 -2.94 -13.94
C SER C 231 9.78 -2.05 -14.20
N TRP C 232 8.70 -2.29 -13.45
CA TRP C 232 7.48 -1.53 -13.64
C TRP C 232 6.56 -1.52 -12.42
N TYR C 233 6.21 -0.32 -11.97
CA TYR C 233 5.31 -0.12 -10.84
C TYR C 233 4.11 0.68 -11.36
N PHE C 234 2.91 0.34 -10.89
CA PHE C 234 1.72 1.05 -11.32
C PHE C 234 0.61 1.08 -10.26
N THR C 235 -0.05 2.23 -10.13
CA THR C 235 -1.16 2.41 -9.19
C THR C 235 -2.21 3.31 -9.80
N SER C 236 -3.46 2.99 -9.57
CA SER C 236 -4.55 3.82 -10.06
C SER C 236 -5.59 3.86 -8.95
N ASN C 237 -6.35 4.94 -8.88
CA ASN C 237 -7.36 5.10 -7.86
C ASN C 237 -8.44 6.09 -8.27
N LEU C 238 -9.70 5.68 -8.13
CA LEU C 238 -10.87 6.50 -8.47
C LEU C 238 -11.33 7.43 -7.33
N GLU C 239 -11.34 8.74 -7.59
N SER D 3 7.42 -2.32 -2.68
CA SER D 3 5.98 -2.56 -2.67
C SER D 3 5.63 -4.01 -2.97
N ASP D 4 4.41 -4.40 -2.61
CA ASP D 4 3.91 -5.76 -2.83
C ASP D 4 3.66 -6.05 -4.31
N ASP D 5 3.71 -7.31 -4.68
CA ASP D 5 3.49 -7.72 -6.06
C ASP D 5 2.13 -7.29 -6.60
N LEU D 6 1.07 -7.61 -5.86
CA LEU D 6 -0.27 -7.24 -6.29
C LEU D 6 -1.14 -6.83 -5.14
N SER D 7 -2.07 -5.93 -5.44
CA SER D 7 -3.00 -5.40 -4.46
C SER D 7 -4.14 -4.73 -5.18
N PHE D 8 -5.35 -5.28 -5.03
CA PHE D 8 -6.53 -4.68 -5.66
C PHE D 8 -7.68 -4.60 -4.68
N ASN D 9 -8.56 -3.64 -4.90
CA ASN D 9 -9.70 -3.44 -4.02
C ASN D 9 -10.94 -2.98 -4.75
N PHE D 10 -12.04 -3.68 -4.49
CA PHE D 10 -13.32 -3.36 -5.09
C PHE D 10 -14.28 -3.03 -3.97
N ASP D 11 -14.63 -1.75 -3.81
CA ASP D 11 -15.57 -1.33 -2.76
C ASP D 11 -16.98 -1.68 -3.19
N LYS D 12 -17.14 -1.88 -4.48
CA LYS D 12 -18.42 -2.19 -5.09
C LYS D 12 -18.07 -2.73 -6.49
N PHE D 13 -19.03 -3.38 -7.14
CA PHE D 13 -18.80 -3.90 -8.48
C PHE D 13 -19.67 -3.11 -9.44
N VAL D 14 -19.35 -3.17 -10.73
CA VAL D 14 -20.11 -2.45 -11.76
C VAL D 14 -20.53 -3.44 -12.83
N PRO D 15 -21.76 -3.31 -13.35
CA PRO D 15 -22.23 -4.23 -14.38
C PRO D 15 -21.24 -4.35 -15.53
N ASN D 16 -20.93 -5.59 -15.90
CA ASN D 16 -19.97 -5.89 -16.96
C ASN D 16 -18.62 -5.24 -16.68
N GLN D 17 -18.04 -5.67 -15.55
CA GLN D 17 -16.76 -5.19 -15.08
C GLN D 17 -15.70 -5.91 -15.90
N LYS D 18 -14.90 -5.16 -16.63
CA LYS D 18 -13.88 -5.73 -17.49
C LYS D 18 -12.70 -6.42 -16.83
N ASN D 19 -12.48 -6.20 -15.54
CA ASN D 19 -11.36 -6.88 -14.87
C ASN D 19 -11.77 -8.11 -14.06
N ILE D 20 -12.99 -8.58 -14.30
CA ILE D 20 -13.53 -9.77 -13.65
C ILE D 20 -13.97 -10.69 -14.80
N ILE D 21 -13.59 -11.97 -14.74
CA ILE D 21 -14.01 -12.92 -15.77
C ILE D 21 -15.20 -13.68 -15.22
N PHE D 22 -16.35 -13.54 -15.89
CA PHE D 22 -17.58 -14.19 -15.48
C PHE D 22 -17.77 -15.52 -16.17
N GLN D 23 -17.99 -16.56 -15.38
CA GLN D 23 -18.19 -17.89 -15.92
C GLN D 23 -19.52 -18.39 -15.40
N GLY D 24 -20.25 -19.11 -16.25
CA GLY D 24 -21.55 -19.63 -15.85
C GLY D 24 -22.57 -18.53 -15.70
N ASP D 25 -23.31 -18.58 -14.59
CA ASP D 25 -24.36 -17.59 -14.33
C ASP D 25 -23.93 -16.35 -13.55
N ALA D 26 -22.65 -16.27 -13.22
CA ALA D 26 -22.15 -15.13 -12.46
C ALA D 26 -22.29 -13.82 -13.22
N SER D 27 -22.65 -12.77 -12.49
CA SER D 27 -22.82 -11.44 -13.06
C SER D 27 -22.93 -10.44 -11.92
N VAL D 28 -22.95 -9.16 -12.27
CA VAL D 28 -23.09 -8.11 -11.27
C VAL D 28 -24.34 -7.28 -11.55
N SER D 29 -25.20 -7.17 -10.54
CA SER D 29 -26.46 -6.44 -10.64
C SER D 29 -26.27 -4.93 -10.75
N THR D 30 -27.36 -4.22 -11.02
CA THR D 30 -27.33 -2.77 -11.14
C THR D 30 -27.08 -2.10 -9.79
N THR D 31 -27.30 -2.84 -8.71
CA THR D 31 -27.07 -2.30 -7.36
C THR D 31 -25.60 -2.45 -6.94
N GLY D 32 -24.78 -2.94 -7.86
CA GLY D 32 -23.35 -3.10 -7.60
C GLY D 32 -22.87 -4.32 -6.84
N VAL D 33 -23.69 -5.37 -6.77
CA VAL D 33 -23.25 -6.57 -6.07
C VAL D 33 -23.00 -7.71 -7.04
N LEU D 34 -21.98 -8.50 -6.71
CA LEU D 34 -21.59 -9.65 -7.52
C LEU D 34 -22.46 -10.85 -7.13
N GLN D 35 -23.37 -11.22 -8.03
CA GLN D 35 -24.25 -12.37 -7.79
C GLN D 35 -23.60 -13.56 -8.50
N VAL D 36 -22.81 -14.33 -7.76
CA VAL D 36 -22.12 -15.48 -8.35
C VAL D 36 -23.12 -16.54 -8.80
N THR D 37 -24.29 -16.50 -8.17
CA THR D 37 -25.38 -17.41 -8.44
C THR D 37 -26.54 -16.56 -8.98
N LYS D 38 -27.25 -17.06 -9.99
CA LYS D 38 -28.35 -16.30 -10.58
C LYS D 38 -29.57 -16.10 -9.67
N VAL D 39 -30.08 -14.86 -9.66
CA VAL D 39 -31.27 -14.52 -8.87
C VAL D 39 -32.30 -14.08 -9.93
N SER D 40 -33.28 -14.92 -10.23
CA SER D 40 -34.26 -14.57 -11.26
C SER D 40 -35.72 -14.76 -10.87
N LYS D 41 -36.62 -14.13 -11.65
CA LYS D 41 -38.07 -14.19 -11.41
C LYS D 41 -38.43 -15.65 -11.06
N PRO D 42 -38.55 -16.56 -12.05
CA PRO D 42 -38.84 -17.91 -11.55
C PRO D 42 -37.44 -18.46 -11.21
N THR D 43 -37.17 -18.77 -9.95
CA THR D 43 -35.85 -19.26 -9.55
C THR D 43 -35.40 -20.48 -10.36
N THR D 44 -34.10 -20.74 -10.39
CA THR D 44 -33.59 -21.87 -11.17
C THR D 44 -32.23 -22.42 -10.71
N THR D 45 -31.91 -23.64 -11.15
CA THR D 45 -30.64 -24.29 -10.85
C THR D 45 -29.56 -23.37 -11.43
N SER D 46 -28.43 -23.23 -10.72
CA SER D 46 -27.40 -22.32 -11.18
C SER D 46 -26.00 -22.65 -10.67
N ILE D 47 -25.00 -22.27 -11.48
CA ILE D 47 -23.60 -22.46 -11.15
C ILE D 47 -22.88 -21.26 -11.75
N GLY D 48 -22.00 -20.64 -10.97
CA GLY D 48 -21.27 -19.49 -11.47
C GLY D 48 -19.93 -19.26 -10.81
N ARG D 49 -19.02 -18.64 -11.55
CA ARG D 49 -17.69 -18.30 -11.04
C ARG D 49 -17.27 -16.94 -11.56
N ALA D 50 -16.52 -16.19 -10.75
CA ALA D 50 -16.02 -14.88 -11.14
C ALA D 50 -14.56 -14.84 -10.72
N LEU D 51 -13.67 -14.61 -11.68
CA LEU D 51 -12.24 -14.57 -11.39
C LEU D 51 -11.67 -13.21 -11.70
N TYR D 52 -10.59 -12.84 -11.03
CA TYR D 52 -9.92 -11.58 -11.33
C TYR D 52 -9.28 -11.86 -12.71
N ALA D 53 -9.42 -10.91 -13.63
CA ALA D 53 -8.91 -11.04 -14.99
C ALA D 53 -7.44 -11.37 -15.19
N ALA D 54 -6.59 -11.00 -14.25
CA ALA D 54 -5.15 -11.29 -14.37
C ALA D 54 -4.64 -12.42 -13.47
N PRO D 55 -3.87 -13.35 -14.03
CA PRO D 55 -3.31 -14.47 -13.26
C PRO D 55 -2.34 -13.90 -12.24
N ILE D 56 -2.10 -14.66 -11.19
CA ILE D 56 -1.21 -14.25 -10.11
C ILE D 56 -0.11 -15.32 -9.90
N GLN D 57 1.12 -14.87 -9.66
CA GLN D 57 2.20 -15.82 -9.42
C GLN D 57 2.20 -16.16 -7.95
N ILE D 58 1.75 -17.37 -7.63
CA ILE D 58 1.66 -17.81 -6.25
C ILE D 58 2.99 -18.38 -5.71
N TRP D 59 3.88 -18.77 -6.61
CA TRP D 59 5.21 -19.27 -6.24
C TRP D 59 6.14 -19.22 -7.45
N ASP D 60 7.43 -19.11 -7.19
CA ASP D 60 8.46 -19.03 -8.25
C ASP D 60 9.34 -20.27 -8.23
N SER D 61 9.45 -20.92 -9.39
CA SER D 61 10.27 -22.12 -9.51
C SER D 61 11.76 -21.80 -9.56
N ILE D 62 12.09 -20.57 -9.94
CA ILE D 62 13.48 -20.14 -10.03
C ILE D 62 14.10 -19.96 -8.64
N THR D 63 13.46 -19.13 -7.81
CA THR D 63 13.94 -18.84 -6.45
C THR D 63 13.42 -19.77 -5.35
N GLY D 64 12.34 -20.50 -5.63
CA GLY D 64 11.76 -21.38 -4.64
C GLY D 64 10.78 -20.67 -3.70
N LYS D 65 10.73 -19.33 -3.79
CA LYS D 65 9.85 -18.51 -2.97
C LYS D 65 8.37 -18.82 -3.14
N VAL D 66 7.62 -18.71 -2.04
CA VAL D 66 6.18 -18.92 -2.07
C VAL D 66 5.53 -17.61 -1.62
N ALA D 67 4.41 -17.25 -2.25
CA ALA D 67 3.72 -16.01 -1.89
C ALA D 67 2.82 -16.09 -0.68
N SER D 68 2.76 -15.00 0.07
CA SER D 68 1.87 -14.88 1.21
C SER D 68 0.77 -14.01 0.64
N PHE D 69 -0.47 -14.25 1.04
CA PHE D 69 -1.55 -13.43 0.54
C PHE D 69 -2.60 -13.24 1.62
N ALA D 70 -3.42 -12.21 1.43
CA ALA D 70 -4.49 -11.90 2.35
C ALA D 70 -5.63 -11.37 1.51
N THR D 71 -6.85 -11.75 1.87
CA THR D 71 -8.00 -11.29 1.13
C THR D 71 -9.12 -10.99 2.09
N SER D 72 -9.96 -10.04 1.71
CA SER D 72 -11.09 -9.68 2.54
C SER D 72 -12.29 -9.40 1.66
N PHE D 73 -13.44 -9.97 2.05
CA PHE D 73 -14.67 -9.79 1.31
C PHE D 73 -15.89 -9.90 2.23
N SER D 74 -16.99 -9.32 1.80
CA SER D 74 -18.23 -9.37 2.57
C SER D 74 -19.26 -10.03 1.67
N PHE D 75 -19.99 -10.97 2.22
CA PHE D 75 -20.99 -11.65 1.40
C PHE D 75 -22.29 -11.86 2.14
N VAL D 76 -23.33 -12.10 1.38
CA VAL D 76 -24.67 -12.31 1.92
C VAL D 76 -25.27 -13.54 1.27
N VAL D 77 -25.89 -14.39 2.09
CA VAL D 77 -26.57 -15.58 1.60
C VAL D 77 -28.00 -15.49 2.14
N LYS D 78 -28.92 -15.07 1.30
CA LYS D 78 -30.32 -14.91 1.67
C LYS D 78 -31.20 -16.01 1.10
N ALA D 79 -31.71 -16.86 1.97
CA ALA D 79 -32.59 -17.95 1.57
C ALA D 79 -34.07 -17.55 1.68
N ASP D 80 -34.90 -18.03 0.76
CA ASP D 80 -36.33 -17.75 0.77
C ASP D 80 -36.96 -18.39 2.00
N LYS D 81 -36.77 -19.70 2.14
CA LYS D 81 -37.28 -20.42 3.29
C LYS D 81 -36.23 -20.29 4.39
N SER D 82 -36.27 -21.16 5.39
CA SER D 82 -35.30 -21.08 6.48
C SER D 82 -33.96 -21.70 6.09
N ASP D 83 -33.97 -22.47 5.01
CA ASP D 83 -32.78 -23.14 4.50
C ASP D 83 -32.61 -22.97 3.01
N GLY D 84 -31.37 -23.14 2.57
CA GLY D 84 -31.05 -22.99 1.17
C GLY D 84 -29.84 -23.84 0.78
N VAL D 85 -29.53 -23.81 -0.51
CA VAL D 85 -28.41 -24.57 -1.08
C VAL D 85 -27.76 -23.67 -2.15
N ASP D 86 -26.50 -23.90 -2.52
CA ASP D 86 -25.64 -24.96 -2.01
C ASP D 86 -24.46 -24.39 -1.21
N GLY D 87 -24.07 -23.17 -1.56
CA GLY D 87 -22.95 -22.55 -0.87
C GLY D 87 -22.14 -21.67 -1.80
N LEU D 88 -21.08 -21.09 -1.23
CA LEU D 88 -20.19 -20.18 -1.94
C LEU D 88 -18.76 -20.59 -1.60
N ALA D 89 -17.82 -20.26 -2.47
CA ALA D 89 -16.43 -20.61 -2.22
C ALA D 89 -15.46 -19.59 -2.78
N PHE D 90 -14.36 -19.40 -2.07
CA PHE D 90 -13.29 -18.52 -2.53
C PHE D 90 -12.21 -19.53 -2.95
N PHE D 91 -11.61 -19.34 -4.12
CA PHE D 91 -10.63 -20.32 -4.57
C PHE D 91 -9.45 -19.82 -5.38
N LEU D 92 -8.46 -20.69 -5.47
CA LEU D 92 -7.26 -20.49 -6.25
C LEU D 92 -7.23 -21.70 -7.18
N ALA D 93 -7.11 -21.46 -8.48
CA ALA D 93 -7.07 -22.54 -9.47
C ALA D 93 -6.07 -22.18 -10.56
N PRO D 94 -5.73 -23.14 -11.44
CA PRO D 94 -4.78 -22.87 -12.53
C PRO D 94 -5.24 -21.65 -13.33
N ALA D 95 -4.29 -20.86 -13.80
CA ALA D 95 -4.58 -19.65 -14.56
C ALA D 95 -5.58 -19.87 -15.69
N ASN D 96 -6.63 -19.05 -15.68
CA ASN D 96 -7.71 -19.08 -16.67
C ASN D 96 -8.45 -20.41 -16.78
N SER D 97 -8.63 -21.02 -15.62
CA SER D 97 -9.33 -22.27 -15.47
C SER D 97 -10.81 -22.06 -15.85
N GLN D 98 -11.41 -23.06 -16.48
CA GLN D 98 -12.82 -23.01 -16.88
C GLN D 98 -13.60 -23.96 -15.98
N ILE D 99 -14.92 -23.80 -15.97
CA ILE D 99 -15.79 -24.68 -15.18
C ILE D 99 -15.66 -26.08 -15.79
N PRO D 100 -15.34 -27.10 -14.97
CA PRO D 100 -15.20 -28.49 -15.42
C PRO D 100 -16.50 -29.05 -16.00
N SER D 101 -16.38 -30.00 -16.93
CA SER D 101 -17.54 -30.64 -17.53
C SER D 101 -18.20 -31.53 -16.49
N GLY D 102 -19.53 -31.55 -16.48
CA GLY D 102 -20.24 -32.37 -15.54
C GLY D 102 -20.08 -31.96 -14.09
N SER D 103 -19.85 -30.67 -13.85
CA SER D 103 -19.71 -30.20 -12.49
C SER D 103 -21.12 -30.00 -11.96
N SER D 104 -21.27 -29.97 -10.63
CA SER D 104 -22.57 -29.75 -10.04
C SER D 104 -22.50 -28.65 -8.99
N ALA D 105 -23.66 -28.14 -8.59
CA ALA D 105 -23.74 -27.08 -7.62
C ALA D 105 -23.07 -27.45 -6.30
N GLY D 106 -23.22 -28.71 -5.89
CA GLY D 106 -22.63 -29.18 -4.65
C GLY D 106 -21.11 -29.20 -4.66
N MET D 107 -20.53 -29.04 -5.85
CA MET D 107 -19.08 -29.02 -6.00
C MET D 107 -18.62 -27.60 -6.37
N PHE D 108 -19.56 -26.67 -6.29
CA PHE D 108 -19.34 -25.26 -6.55
C PHE D 108 -18.65 -24.95 -7.88
N GLY D 109 -18.89 -25.80 -8.88
CA GLY D 109 -18.29 -25.59 -10.18
C GLY D 109 -16.78 -25.66 -10.17
N LEU D 110 -16.25 -26.37 -9.16
CA LEU D 110 -14.81 -26.52 -9.00
C LEU D 110 -14.35 -27.95 -9.29
N PHE D 111 -15.25 -28.92 -9.15
CA PHE D 111 -14.90 -30.32 -9.36
C PHE D 111 -15.83 -31.12 -10.28
N SER D 112 -15.24 -32.09 -10.98
CA SER D 112 -15.91 -33.00 -11.92
C SER D 112 -16.43 -34.22 -11.14
N SER D 113 -15.80 -34.49 -9.99
CA SER D 113 -16.17 -35.63 -9.15
C SER D 113 -15.77 -35.44 -7.67
N SER D 114 -16.03 -36.47 -6.86
CA SER D 114 -15.71 -36.42 -5.44
C SER D 114 -14.36 -37.06 -5.08
N ASP D 115 -13.60 -37.46 -6.10
CA ASP D 115 -12.29 -38.07 -5.88
C ASP D 115 -11.28 -36.97 -5.56
N SER D 116 -10.17 -37.37 -4.95
CA SER D 116 -9.11 -36.44 -4.61
C SER D 116 -7.94 -36.54 -5.59
N LYS D 117 -8.13 -36.00 -6.79
CA LYS D 117 -7.09 -36.03 -7.82
C LYS D 117 -6.13 -34.85 -7.68
N SER D 118 -4.83 -35.15 -7.70
CA SER D 118 -3.82 -34.11 -7.58
C SER D 118 -3.78 -33.20 -8.81
N SER D 119 -4.37 -33.66 -9.90
CA SER D 119 -4.41 -32.90 -11.14
C SER D 119 -5.47 -31.78 -11.12
N ASN D 120 -6.31 -31.77 -10.08
CA ASN D 120 -7.32 -30.73 -9.95
C ASN D 120 -6.65 -29.38 -9.71
N GLN D 121 -5.61 -29.40 -8.88
CA GLN D 121 -4.84 -28.21 -8.53
C GLN D 121 -5.73 -27.09 -8.05
N ILE D 122 -6.54 -27.41 -7.05
CA ILE D 122 -7.47 -26.43 -6.49
C ILE D 122 -7.45 -26.35 -4.97
N ILE D 123 -7.38 -25.12 -4.48
CA ILE D 123 -7.43 -24.84 -3.05
C ILE D 123 -8.60 -23.88 -2.92
N ALA D 124 -9.54 -24.21 -2.05
CA ALA D 124 -10.71 -23.37 -1.87
C ALA D 124 -11.19 -23.37 -0.45
N VAL D 125 -11.86 -22.28 -0.10
CA VAL D 125 -12.45 -22.11 1.22
C VAL D 125 -13.95 -22.05 0.92
N GLU D 126 -14.67 -23.08 1.36
CA GLU D 126 -16.09 -23.17 1.12
C GLU D 126 -16.97 -22.74 2.29
N PHE D 127 -18.12 -22.17 1.96
CA PHE D 127 -19.11 -21.76 2.93
C PHE D 127 -20.30 -22.58 2.43
N ASP D 128 -20.31 -23.82 2.91
CA ASP D 128 -21.28 -24.86 2.56
C ASP D 128 -22.58 -24.80 3.34
N THR D 129 -23.68 -24.56 2.64
CA THR D 129 -24.99 -24.48 3.28
C THR D 129 -25.78 -25.77 3.23
N TYR D 130 -25.47 -26.63 2.26
CA TYR D 130 -26.15 -27.92 2.10
C TYR D 130 -25.22 -29.06 2.50
N PHE D 131 -25.70 -29.91 3.39
CA PHE D 131 -24.92 -31.04 3.87
C PHE D 131 -25.72 -32.35 3.83
N GLY D 132 -26.77 -32.37 3.00
CA GLY D 132 -27.61 -33.56 2.87
C GLY D 132 -26.79 -34.79 2.53
N LYS D 133 -26.65 -35.64 3.55
CA LYS D 133 -25.90 -36.88 3.51
C LYS D 133 -26.12 -37.77 2.29
N ALA D 134 -27.36 -37.85 1.82
CA ALA D 134 -27.66 -38.69 0.66
C ALA D 134 -27.07 -38.12 -0.62
N TYR D 135 -27.09 -36.79 -0.77
CA TYR D 135 -26.55 -36.13 -1.96
C TYR D 135 -25.11 -35.63 -1.87
N ASN D 136 -24.72 -35.20 -0.67
CA ASN D 136 -23.37 -34.70 -0.37
C ASN D 136 -22.86 -35.57 0.76
N PRO D 137 -22.63 -36.87 0.50
CA PRO D 137 -22.16 -37.80 1.54
C PRO D 137 -20.83 -37.43 2.23
N TRP D 138 -20.03 -36.59 1.57
CA TRP D 138 -18.73 -36.17 2.11
C TRP D 138 -18.79 -35.09 3.18
N ASP D 139 -19.92 -34.40 3.25
CA ASP D 139 -20.10 -33.30 4.21
C ASP D 139 -20.45 -33.73 5.63
N PRO D 140 -20.08 -32.90 6.63
CA PRO D 140 -20.37 -33.17 8.05
C PRO D 140 -21.85 -32.83 8.27
N ASP D 141 -22.39 -33.12 9.46
CA ASP D 141 -23.81 -32.88 9.73
C ASP D 141 -24.28 -31.48 10.14
N PHE D 142 -23.72 -30.47 9.49
CA PHE D 142 -24.08 -29.09 9.78
C PHE D 142 -23.52 -28.18 8.71
N LYS D 143 -24.02 -26.94 8.67
CA LYS D 143 -23.52 -25.97 7.70
C LYS D 143 -22.08 -25.71 8.15
N HIS D 144 -21.16 -25.56 7.21
CA HIS D 144 -19.76 -25.42 7.59
C HIS D 144 -18.87 -24.56 6.71
N ILE D 145 -17.69 -24.25 7.25
CA ILE D 145 -16.66 -23.54 6.53
C ILE D 145 -15.63 -24.64 6.36
N GLY D 146 -15.15 -24.85 5.14
CA GLY D 146 -14.18 -25.90 4.93
C GLY D 146 -13.01 -25.50 4.06
N ILE D 147 -11.86 -26.09 4.34
CA ILE D 147 -10.65 -25.86 3.57
C ILE D 147 -10.58 -27.05 2.61
N ASP D 148 -10.70 -26.78 1.31
CA ASP D 148 -10.66 -27.82 0.31
C ASP D 148 -9.35 -27.83 -0.45
N VAL D 149 -8.73 -29.01 -0.51
CA VAL D 149 -7.46 -29.16 -1.21
C VAL D 149 -7.56 -30.31 -2.20
N ASN D 150 -7.78 -29.97 -3.46
CA ASN D 150 -7.91 -30.95 -4.54
C ASN D 150 -9.11 -31.88 -4.43
N SER D 151 -10.05 -31.54 -3.54
CA SER D 151 -11.23 -32.37 -3.34
C SER D 151 -12.35 -31.63 -2.61
N ILE D 152 -13.58 -31.97 -2.95
CA ILE D 152 -14.77 -31.37 -2.35
C ILE D 152 -14.96 -31.85 -0.91
N LYS D 153 -14.19 -32.88 -0.55
CA LYS D 153 -14.20 -33.44 0.80
C LYS D 153 -13.11 -32.69 1.56
N SER D 154 -13.54 -31.66 2.28
CA SER D 154 -12.66 -30.77 3.05
C SER D 154 -11.68 -31.52 3.96
N ILE D 155 -10.47 -30.97 4.10
CA ILE D 155 -9.45 -31.57 4.97
C ILE D 155 -9.70 -31.16 6.42
N LYS D 156 -10.43 -30.06 6.59
CA LYS D 156 -10.76 -29.53 7.90
C LYS D 156 -12.00 -28.65 7.77
N THR D 157 -12.94 -28.84 8.69
CA THR D 157 -14.16 -28.04 8.67
C THR D 157 -14.44 -27.51 10.06
N VAL D 158 -15.38 -26.58 10.13
CA VAL D 158 -15.79 -25.99 11.40
C VAL D 158 -17.25 -25.57 11.23
N LYS D 159 -18.01 -25.70 12.31
CA LYS D 159 -19.42 -25.32 12.31
C LYS D 159 -19.55 -23.85 11.89
N TRP D 160 -20.41 -23.61 10.92
CA TRP D 160 -20.66 -22.25 10.43
C TRP D 160 -22.04 -21.81 10.89
N ASP D 161 -22.05 -20.84 11.81
CA ASP D 161 -23.29 -20.29 12.34
C ASP D 161 -23.87 -19.29 11.38
N TRP D 162 -24.35 -19.78 10.24
CA TRP D 162 -24.92 -18.96 9.19
C TRP D 162 -26.14 -18.15 9.67
N ARG D 163 -26.21 -16.90 9.25
CA ARG D 163 -27.32 -16.01 9.59
C ARG D 163 -27.97 -15.61 8.28
N ASN D 164 -29.22 -16.03 8.12
CA ASN D 164 -29.98 -15.76 6.91
C ASN D 164 -30.09 -14.27 6.60
N GLY D 165 -29.67 -13.88 5.41
CA GLY D 165 -29.77 -12.50 5.00
C GLY D 165 -28.80 -11.48 5.58
N GLU D 166 -28.04 -11.88 6.58
CA GLU D 166 -27.08 -10.97 7.20
C GLU D 166 -25.75 -10.95 6.46
N VAL D 167 -25.08 -9.80 6.52
CA VAL D 167 -23.78 -9.60 5.90
C VAL D 167 -22.66 -10.18 6.76
N ALA D 168 -21.79 -10.96 6.12
CA ALA D 168 -20.66 -11.58 6.80
C ALA D 168 -19.36 -10.98 6.28
N ASP D 169 -18.46 -10.61 7.18
CA ASP D 169 -17.15 -10.08 6.79
C ASP D 169 -16.16 -11.21 6.95
N VAL D 170 -15.35 -11.46 5.92
CA VAL D 170 -14.36 -12.54 5.96
C VAL D 170 -12.96 -12.04 5.65
N VAL D 171 -11.99 -12.56 6.39
CA VAL D 171 -10.58 -12.23 6.18
C VAL D 171 -9.88 -13.58 6.09
N ILE D 172 -9.16 -13.80 5.00
CA ILE D 172 -8.44 -15.03 4.82
C ILE D 172 -6.97 -14.67 4.65
N THR D 173 -6.11 -15.25 5.47
CA THR D 173 -4.70 -14.97 5.36
C THR D 173 -3.91 -16.24 5.13
N TYR D 174 -2.88 -16.13 4.29
CA TYR D 174 -2.00 -17.25 4.04
C TYR D 174 -0.59 -16.76 4.29
N ARG D 175 0.03 -17.33 5.31
CA ARG D 175 1.39 -16.97 5.71
C ARG D 175 2.34 -18.05 5.25
N ALA D 176 3.03 -17.78 4.14
CA ALA D 176 3.95 -18.72 3.51
C ALA D 176 4.99 -19.36 4.43
N PRO D 177 5.73 -18.56 5.21
CA PRO D 177 6.74 -19.17 6.10
C PRO D 177 6.22 -20.28 7.05
N THR D 178 4.96 -20.23 7.44
CA THR D 178 4.42 -21.27 8.32
C THR D 178 3.38 -22.16 7.64
N LYS D 179 3.14 -21.91 6.35
CA LYS D 179 2.18 -22.66 5.55
C LYS D 179 0.80 -22.67 6.23
N SER D 180 0.48 -21.56 6.86
CA SER D 180 -0.78 -21.42 7.59
C SER D 180 -1.86 -20.63 6.88
N LEU D 181 -3.02 -21.26 6.71
CA LEU D 181 -4.17 -20.65 6.07
C LEU D 181 -5.24 -20.45 7.15
N THR D 182 -5.58 -19.18 7.44
CA THR D 182 -6.57 -18.86 8.46
C THR D 182 -7.79 -18.19 7.88
N VAL D 183 -8.97 -18.67 8.27
CA VAL D 183 -10.23 -18.10 7.80
C VAL D 183 -10.96 -17.48 8.97
N CYS D 184 -11.16 -16.17 8.87
CA CYS D 184 -11.80 -15.37 9.90
C CYS D 184 -13.15 -14.86 9.44
N LEU D 185 -14.24 -15.35 10.05
CA LEU D 185 -15.57 -14.90 9.67
C LEU D 185 -16.36 -14.27 10.81
N SER D 186 -17.01 -13.15 10.54
CA SER D 186 -17.82 -12.48 11.56
C SER D 186 -19.04 -11.78 10.99
N TYR D 187 -20.08 -11.72 11.80
CA TYR D 187 -21.34 -11.07 11.47
C TYR D 187 -21.47 -9.83 12.35
N PRO D 188 -21.19 -8.64 11.80
CA PRO D 188 -21.29 -7.40 12.59
C PRO D 188 -22.66 -7.15 13.25
N SER D 189 -23.72 -7.69 12.67
CA SER D 189 -25.08 -7.51 13.20
C SER D 189 -25.31 -8.10 14.60
N ASP D 190 -24.77 -9.29 14.88
CA ASP D 190 -24.96 -9.88 16.22
C ASP D 190 -23.69 -10.38 16.92
N GLY D 191 -22.53 -10.17 16.30
CA GLY D 191 -21.28 -10.59 16.91
C GLY D 191 -20.88 -12.03 16.70
N THR D 192 -21.66 -12.79 15.94
CA THR D 192 -21.34 -14.20 15.68
C THR D 192 -20.03 -14.31 14.91
N SER D 193 -19.14 -15.17 15.39
CA SER D 193 -17.83 -15.34 14.76
C SER D 193 -17.40 -16.80 14.65
N ASN D 194 -16.82 -17.15 13.50
CA ASN D 194 -16.34 -18.50 13.27
C ASN D 194 -14.94 -18.40 12.72
N ILE D 195 -14.08 -19.33 13.11
CA ILE D 195 -12.70 -19.31 12.67
C ILE D 195 -12.17 -20.72 12.42
N ILE D 196 -11.23 -20.84 11.48
CA ILE D 196 -10.62 -22.12 11.15
C ILE D 196 -9.26 -21.90 10.48
N THR D 197 -8.27 -22.71 10.85
CA THR D 197 -6.96 -22.60 10.20
C THR D 197 -6.45 -24.00 9.91
N ALA D 198 -5.64 -24.12 8.86
CA ALA D 198 -5.08 -25.40 8.45
C ALA D 198 -3.74 -25.19 7.75
N SER D 199 -2.91 -26.23 7.71
CA SER D 199 -1.62 -26.14 7.03
C SER D 199 -1.76 -26.58 5.59
N VAL D 200 -1.27 -25.75 4.67
CA VAL D 200 -1.36 -26.05 3.26
C VAL D 200 -0.10 -25.52 2.59
N ASP D 201 0.57 -26.38 1.82
CA ASP D 201 1.77 -25.98 1.11
C ASP D 201 1.33 -25.69 -0.33
N LEU D 202 1.23 -24.41 -0.67
CA LEU D 202 0.80 -23.98 -2.01
C LEU D 202 1.67 -24.54 -3.12
N LYS D 203 2.98 -24.57 -2.87
CA LYS D 203 3.94 -25.08 -3.84
C LYS D 203 3.66 -26.54 -4.20
N ALA D 204 3.17 -27.30 -3.23
CA ALA D 204 2.86 -28.71 -3.44
C ALA D 204 1.55 -28.94 -4.18
N ILE D 205 0.61 -28.00 -4.05
CA ILE D 205 -0.69 -28.17 -4.69
C ILE D 205 -0.95 -27.43 -6.01
N LEU D 206 -0.62 -26.15 -6.05
CA LEU D 206 -0.87 -25.32 -7.21
C LEU D 206 0.30 -25.05 -8.14
N PRO D 207 0.01 -24.63 -9.38
CA PRO D 207 1.07 -24.33 -10.35
C PRO D 207 1.58 -22.93 -10.00
N GLU D 208 2.62 -22.45 -10.68
CA GLU D 208 3.15 -21.12 -10.38
C GLU D 208 2.14 -19.99 -10.60
N TRP D 209 1.36 -20.14 -11.67
CA TRP D 209 0.37 -19.13 -12.03
C TRP D 209 -1.05 -19.57 -11.78
N VAL D 210 -1.76 -18.82 -10.95
CA VAL D 210 -3.14 -19.13 -10.63
C VAL D 210 -4.09 -17.97 -10.85
N SER D 211 -5.38 -18.28 -10.82
CA SER D 211 -6.44 -17.29 -10.95
C SER D 211 -7.21 -17.39 -9.64
N VAL D 212 -7.60 -16.25 -9.08
CA VAL D 212 -8.36 -16.25 -7.83
C VAL D 212 -9.79 -15.73 -8.06
N GLY D 213 -10.73 -16.21 -7.27
CA GLY D 213 -12.09 -15.76 -7.42
C GLY D 213 -13.11 -16.46 -6.54
N PHE D 214 -14.37 -16.30 -6.91
CA PHE D 214 -15.47 -16.89 -6.18
C PHE D 214 -16.27 -17.81 -7.08
N SER D 215 -16.88 -18.82 -6.48
CA SER D 215 -17.72 -19.74 -7.20
C SER D 215 -18.87 -20.11 -6.25
N GLY D 216 -19.96 -20.61 -6.82
CA GLY D 216 -21.09 -20.99 -6.01
C GLY D 216 -22.13 -21.72 -6.83
N GLY D 217 -23.12 -22.26 -6.17
CA GLY D 217 -24.15 -22.99 -6.89
C GLY D 217 -25.45 -23.15 -6.13
N VAL D 218 -26.50 -23.46 -6.89
CA VAL D 218 -27.83 -23.70 -6.35
C VAL D 218 -28.28 -24.95 -7.10
N GLY D 219 -28.24 -26.09 -6.41
CA GLY D 219 -28.60 -27.35 -7.02
C GLY D 219 -30.08 -27.67 -7.10
N ASN D 220 -30.86 -27.05 -6.22
CA ASN D 220 -32.29 -27.28 -6.16
C ASN D 220 -33.03 -25.95 -6.09
N ALA D 221 -33.66 -25.56 -7.21
CA ALA D 221 -34.40 -24.31 -7.29
C ALA D 221 -35.49 -24.14 -6.24
N ALA D 222 -35.93 -25.26 -5.65
CA ALA D 222 -36.96 -25.26 -4.61
C ALA D 222 -36.43 -24.72 -3.29
N GLU D 223 -35.12 -24.89 -3.06
CA GLU D 223 -34.48 -24.41 -1.84
C GLU D 223 -33.46 -23.32 -2.16
N PHE D 224 -33.93 -22.34 -2.92
CA PHE D 224 -33.15 -21.21 -3.39
C PHE D 224 -32.59 -20.28 -2.31
N GLU D 225 -31.43 -19.71 -2.60
CA GLU D 225 -30.74 -18.74 -1.74
C GLU D 225 -29.74 -17.99 -2.62
N THR D 226 -29.42 -16.76 -2.23
CA THR D 226 -28.48 -15.95 -2.98
C THR D 226 -27.05 -16.19 -2.50
N HIS D 227 -26.08 -15.87 -3.36
CA HIS D 227 -24.67 -16.01 -3.03
C HIS D 227 -24.03 -14.73 -3.57
N ASP D 228 -24.28 -13.64 -2.87
CA ASP D 228 -23.80 -12.33 -3.26
C ASP D 228 -22.58 -11.83 -2.51
N VAL D 229 -21.56 -11.37 -3.24
CA VAL D 229 -20.37 -10.80 -2.60
C VAL D 229 -20.48 -9.29 -2.84
N LEU D 230 -20.38 -8.54 -1.76
CA LEU D 230 -20.50 -7.08 -1.76
C LEU D 230 -19.25 -6.27 -2.06
N SER D 231 -18.10 -6.77 -1.62
CA SER D 231 -16.81 -6.10 -1.82
C SER D 231 -15.69 -7.14 -1.79
N TRP D 232 -14.51 -6.74 -2.26
CA TRP D 232 -13.38 -7.66 -2.30
C TRP D 232 -12.02 -6.97 -2.34
N TYR D 233 -11.18 -7.32 -1.37
CA TYR D 233 -9.82 -6.80 -1.26
C TYR D 233 -8.85 -7.99 -1.37
N PHE D 234 -7.74 -7.80 -2.08
CA PHE D 234 -6.77 -8.87 -2.25
C PHE D 234 -5.34 -8.37 -2.41
N THR D 235 -4.40 -9.06 -1.75
CA THR D 235 -2.97 -8.74 -1.84
C THR D 235 -2.16 -10.02 -1.82
N SER D 236 -1.11 -10.06 -2.62
CA SER D 236 -0.21 -11.19 -2.65
C SER D 236 1.20 -10.63 -2.74
N ASN D 237 2.16 -11.39 -2.22
CA ASN D 237 3.54 -10.94 -2.24
C ASN D 237 4.51 -12.11 -2.11
N LEU D 238 5.49 -12.17 -3.01
CA LEU D 238 6.53 -13.22 -3.03
C LEU D 238 7.74 -12.93 -2.14
N GLU D 239 8.00 -13.82 -1.17
MN MN E . 20.37 28.15 -2.43
CA CA F . 18.78 31.80 -0.18
C1 NAG G . 25.43 26.19 15.52
C2 NAG G . 25.97 26.91 16.76
C3 NAG G . 26.76 25.91 17.61
C4 NAG G . 25.78 24.86 18.07
C5 NAG G . 25.11 24.19 16.85
C6 NAG G . 23.96 23.30 17.31
C7 NAG G . 26.71 29.15 17.16
C8 NAG G . 27.59 30.33 16.78
N2 NAG G . 26.80 28.06 16.41
O3 NAG G . 27.35 26.56 18.72
O4 NAG G . 26.45 23.90 18.88
O5 NAG G . 24.51 25.17 15.96
O6 NAG G . 22.91 24.09 17.86
O7 NAG G . 25.94 29.25 18.12
C1 NAG H . 18.36 38.64 6.51
C2 NAG H . 18.60 37.27 7.12
C3 NAG H . 19.13 36.29 6.07
C4 NAG H . 18.21 36.30 4.85
C5 NAG H . 18.05 37.73 4.34
C6 NAG H . 17.17 37.84 3.13
C7 NAG H . 19.10 37.54 9.47
C8 NAG H . 20.15 37.67 10.55
N2 NAG H . 19.55 37.40 8.22
O1 NAG H . 17.74 39.47 7.44
O3 NAG H . 19.20 34.97 6.61
O4 NAG H . 18.79 35.50 3.80
O5 NAG H . 17.48 38.54 5.38
O6 NAG H . 15.80 37.77 3.50
O7 NAG H . 17.90 37.55 9.76
MN MN I . -9.55 -10.40 31.80
CA CA J . -6.29 -11.39 34.65
C1 NAG K . -4.94 6.27 38.61
C2 NAG K . -4.54 7.18 39.77
C3 NAG K . -5.00 8.62 39.48
C4 NAG K . -4.37 9.06 38.17
C5 NAG K . -4.82 8.09 37.08
C6 NAG K . -4.33 8.44 35.69
C7 NAG K . -4.32 6.68 42.11
C8 NAG K . -4.95 6.16 43.39
N2 NAG K . -5.09 6.70 41.02
O3 NAG K . -4.62 9.51 40.53
O4 NAG K . -4.76 10.39 37.84
O5 NAG K . -4.37 6.75 37.40
O6 NAG K . -2.91 8.58 35.66
O7 NAG K . -3.15 7.06 42.10
MN MN L . 7.42 11.99 -31.87
CA CA M . 9.64 9.18 -34.57
C1 NAG N . -6.02 1.30 -39.09
C2 NAG N . -6.49 0.49 -40.31
C3 NAG N . -8.01 0.42 -40.23
C4 NAG N . -8.37 -0.36 -38.97
C5 NAG N . -7.75 0.31 -37.73
C6 NAG N . -7.86 -0.63 -36.53
C7 NAG N . -6.30 2.31 -41.88
C8 NAG N . -5.78 2.81 -43.21
N2 NAG N . -6.04 1.05 -41.56
O3 NAG N . -8.55 -0.23 -41.39
O4 NAG N . -9.79 -0.44 -38.82
O5 NAG N . -6.33 0.57 -37.90
O6 NAG N . -7.22 -1.87 -36.78
O7 NAG N . -6.94 3.08 -41.13
C1 NAG O . 10.34 3.37 -41.98
C2 NAG O . 9.08 3.10 -41.16
C3 NAG O . 8.81 4.22 -40.17
C4 NAG O . 10.05 4.58 -39.36
C5 NAG O . 11.26 4.78 -40.30
C6 NAG O . 12.59 5.02 -39.58
C7 NAG O . 7.47 1.72 -42.32
C8 NAG O . 6.27 1.68 -43.24
N2 NAG O . 7.95 2.94 -42.05
O1 NAG O . 10.63 2.25 -42.73
O3 NAG O . 7.76 3.81 -39.30
O4 NAG O . 9.81 5.80 -38.63
O5 NAG O . 11.46 3.61 -41.12
O6 NAG O . 13.05 3.83 -38.94
O7 NAG O . 7.96 0.67 -41.87
MN MN P . -18.44 -29.26 2.42
CA CA Q . -22.36 -29.34 0.34
C1 NAG R . -14.15 -33.59 -15.20
C2 NAG R . -14.61 -34.48 -16.37
C3 NAG R . -13.39 -34.84 -17.23
C4 NAG R . -12.79 -33.54 -17.76
C5 NAG R . -12.45 -32.58 -16.60
C6 NAG R . -12.06 -31.21 -17.13
C7 NAG R . -16.41 -36.05 -16.50
C8 NAG R . -17.09 -37.30 -15.98
N2 NAG R . -15.28 -35.67 -15.92
O3 NAG R . -13.79 -35.67 -18.33
O4 NAG R . -11.62 -33.82 -18.51
O5 NAG R . -13.60 -32.37 -15.74
O6 NAG R . -13.12 -30.62 -17.87
O7 NAG R . -16.91 -35.43 -17.46
C1 NAG S . -28.32 -31.69 -6.56
C2 NAG S . -26.95 -31.33 -7.14
C3 NAG S . -25.89 -31.28 -6.05
C4 NAG S . -26.33 -30.40 -4.88
C5 NAG S . -27.75 -30.81 -4.41
C6 NAG S . -28.34 -29.88 -3.33
C7 NAG S . -26.70 -32.03 -9.43
C8 NAG S . -26.25 -33.12 -10.41
N2 NAG S . -26.55 -32.31 -8.14
O1 NAG S . -29.29 -31.58 -7.55
O3 NAG S . -24.66 -30.79 -6.58
O4 NAG S . -25.39 -30.59 -3.80
O5 NAG S . -28.68 -30.78 -5.52
O6 NAG S . -28.88 -28.70 -3.91
O7 NAG S . -27.18 -30.98 -9.85
#